data_5I68
#
_entry.id   5I68
#
_cell.length_a   1.000
_cell.length_b   1.000
_cell.length_c   1.000
_cell.angle_alpha   90.00
_cell.angle_beta   90.00
_cell.angle_gamma   90.00
#
_symmetry.space_group_name_H-M   'P 1'
#
loop_
_entity.id
_entity.type
_entity.pdbx_description
1 polymer 'Alcohol oxidase 1'
2 non-polymer 'MAGNESIUM ION'
3 non-polymer 'FLAVIN-ADENINE DINUCLEOTIDE'
#
_entity_poly.entity_id   1
_entity_poly.type   'polypeptide(L)'
_entity_poly.pdbx_seq_one_letter_code
;MAIPEEFDILVLGGGSSGSCIAGRLANLDHSLKVGLIEAGENNLNNPWVYLPGIYPRNMKLDSKTASFYTSNPSPHLNGR
RAIVPCANVLGGGSSINFMMYTRGSASDYDDFQAEGWKTKDLLPLMKKTETYQRACNNPDIHGFEGPIKVSFGNYTYPVC
QDFLRASESQGIPYVDDLEDLVTAHGAEHWLKWINRDTGRRSDSAHAFVHSTMRNHDNLYLICNTKVDKIIVEDGRAAAV
RTVPSKPLNPKKPSHKIYRARKQIVLSCGTISSPLVLQRSGFGDPIKLRAAGVKPLVNLPGVGRNFQDHYCFFSPYRIKP
QYESFDDFVRGDAEIQKRVFDQWYANGTGPLATNGIEAGVKIRPTPEELSQMDESFQEGYREYFEDKPDKPVMHYSIIAG
FFGDHTKIPPGKYMTMFHFLEYPFSRGSIHITSPDPYAAPDFDPGFMNDERDMAPMVWAYKKSRETARRMDHFAGEVTSH
HPLFPYSSEARALEMDLETSNAYGGPLNLSAGLAHGSWTQPLKKPTAKNEGHVTSNQVELHPDIEYDEEDDKAIENYIRE
HTETTWHCLGTCSIGPREGSKIVKWGGVLDHRSNVYGVKGLKVGDLSVCPDNVGCNTYTTALLIGEKTATLVGEDLGYSG
EALDMTVPQFKLGTYEKTGLARF
;
_entity_poly.pdbx_strand_id   A
#
# COMPACT_ATOMS: atom_id res chain seq x y z
N ALA A 2 -26.80 -10.55 -23.55
CA ALA A 2 -25.43 -10.31 -24.00
C ALA A 2 -24.42 -10.99 -23.09
N ILE A 3 -24.84 -11.35 -21.89
CA ILE A 3 -23.97 -12.03 -20.93
C ILE A 3 -24.43 -13.47 -20.80
N PRO A 4 -23.44 -14.44 -20.96
CA PRO A 4 -23.92 -15.81 -20.83
C PRO A 4 -23.81 -16.29 -19.40
N GLU A 5 -24.47 -17.40 -19.08
CA GLU A 5 -24.44 -17.94 -17.73
C GLU A 5 -23.17 -18.73 -17.42
N GLU A 6 -22.57 -19.32 -18.43
CA GLU A 6 -21.47 -20.26 -18.20
C GLU A 6 -20.15 -19.82 -18.84
N PHE A 7 -19.34 -19.11 -18.06
CA PHE A 7 -18.00 -18.74 -18.48
C PHE A 7 -17.02 -19.90 -18.42
N ASP A 8 -15.97 -19.81 -19.24
CA ASP A 8 -14.97 -20.85 -19.32
C ASP A 8 -13.98 -20.77 -18.16
N ILE A 9 -13.57 -19.55 -17.81
CA ILE A 9 -12.68 -19.32 -16.68
C ILE A 9 -13.12 -18.07 -15.92
N LEU A 10 -13.81 -18.28 -14.81
CA LEU A 10 -14.20 -17.18 -13.94
C LEU A 10 -13.02 -16.64 -13.16
N VAL A 11 -13.03 -15.34 -12.89
CA VAL A 11 -11.96 -14.72 -12.11
C VAL A 11 -12.57 -13.74 -11.11
N LEU A 12 -13.06 -14.24 -9.98
CA LEU A 12 -13.70 -13.36 -9.00
C LEU A 12 -12.77 -12.28 -8.50
N GLY A 13 -13.30 -11.08 -8.38
CA GLY A 13 -12.56 -9.92 -7.91
C GLY A 13 -12.02 -9.02 -9.01
N GLY A 14 -11.97 -7.73 -8.73
CA GLY A 14 -11.50 -6.73 -9.65
C GLY A 14 -10.20 -6.14 -9.15
N GLY A 15 -9.57 -6.87 -8.25
CA GLY A 15 -8.35 -6.41 -7.62
C GLY A 15 -7.25 -6.31 -8.65
N SER A 16 -6.18 -5.60 -8.31
CA SER A 16 -5.08 -5.41 -9.24
C SER A 16 -4.54 -6.78 -9.64
N SER A 17 -4.54 -7.74 -8.72
CA SER A 17 -4.05 -9.06 -9.04
C SER A 17 -5.05 -9.81 -9.93
N GLY A 18 -6.33 -9.53 -9.69
CA GLY A 18 -7.39 -10.16 -10.45
C GLY A 18 -7.48 -9.61 -11.85
N SER A 19 -7.20 -8.33 -12.01
CA SER A 19 -7.12 -7.74 -13.33
C SER A 19 -5.92 -8.29 -14.08
N CYS A 20 -4.84 -8.60 -13.36
CA CYS A 20 -3.69 -9.25 -13.98
C CYS A 20 -4.08 -10.61 -14.53
N ILE A 21 -4.69 -11.43 -13.68
CA ILE A 21 -5.06 -12.78 -14.07
C ILE A 21 -6.06 -12.74 -15.21
N ALA A 22 -6.97 -11.78 -15.16
CA ALA A 22 -8.04 -11.70 -16.14
C ALA A 22 -7.49 -11.29 -17.49
N GLY A 23 -6.65 -10.26 -17.51
CA GLY A 23 -6.11 -9.82 -18.78
C GLY A 23 -5.17 -10.83 -19.40
N ARG A 24 -4.28 -11.37 -18.59
CA ARG A 24 -3.32 -12.33 -19.09
C ARG A 24 -3.99 -13.61 -19.58
N LEU A 25 -4.98 -14.08 -18.82
CA LEU A 25 -5.70 -15.29 -19.18
C LEU A 25 -6.52 -15.18 -20.46
N ALA A 26 -7.17 -14.05 -20.66
CA ALA A 26 -7.98 -13.86 -21.84
C ALA A 26 -7.11 -13.93 -23.07
N ASN A 27 -5.93 -13.35 -22.96
CA ASN A 27 -4.94 -13.29 -24.04
C ASN A 27 -4.34 -14.58 -24.57
N LEU A 28 -4.10 -15.56 -23.69
CA LEU A 28 -3.46 -16.79 -24.16
C LEU A 28 -4.20 -17.57 -25.23
N ASP A 29 -5.52 -17.71 -25.13
CA ASP A 29 -6.23 -18.47 -26.17
C ASP A 29 -7.19 -17.70 -27.07
N HIS A 30 -7.72 -16.58 -26.58
CA HIS A 30 -8.65 -15.81 -27.39
C HIS A 30 -9.95 -16.60 -27.48
N SER A 31 -9.86 -17.84 -27.94
CA SER A 31 -11.00 -18.73 -28.05
C SER A 31 -11.61 -19.01 -26.69
N LEU A 32 -10.75 -19.15 -25.67
CA LEU A 32 -11.21 -19.42 -24.32
C LEU A 32 -12.06 -18.28 -23.83
N LYS A 33 -13.13 -18.60 -23.11
CA LYS A 33 -14.04 -17.60 -22.60
C LYS A 33 -13.78 -17.32 -21.13
N VAL A 34 -13.26 -16.13 -20.85
CA VAL A 34 -12.94 -15.71 -19.50
C VAL A 34 -13.91 -14.63 -19.14
N GLY A 35 -14.56 -14.78 -17.99
CA GLY A 35 -15.52 -13.81 -17.50
C GLY A 35 -14.97 -13.37 -16.16
N LEU A 36 -14.97 -12.07 -15.90
CA LEU A 36 -14.47 -11.51 -14.65
C LEU A 36 -15.67 -10.95 -13.91
N ILE A 37 -15.81 -11.21 -12.61
CA ILE A 37 -16.95 -10.71 -11.84
C ILE A 37 -16.42 -9.74 -10.79
N GLU A 38 -16.99 -8.55 -10.63
CA GLU A 38 -16.44 -7.62 -9.62
C GLU A 38 -17.45 -6.99 -8.68
N ALA A 39 -17.16 -6.85 -7.40
CA ALA A 39 -18.12 -6.16 -6.57
C ALA A 39 -17.83 -4.66 -6.47
N GLY A 40 -18.09 -3.93 -7.54
CA GLY A 40 -17.88 -2.50 -7.54
C GLY A 40 -18.10 -1.87 -8.89
N GLU A 41 -18.05 -0.56 -8.94
CA GLU A 41 -18.33 0.17 -10.17
C GLU A 41 -17.22 0.01 -11.19
N ASN A 42 -17.58 0.13 -12.47
CA ASN A 42 -16.61 0.15 -13.55
C ASN A 42 -15.83 1.46 -13.50
N ASN A 43 -14.55 1.43 -13.88
CA ASN A 43 -13.74 2.64 -13.76
C ASN A 43 -13.12 3.12 -15.06
N LEU A 44 -13.68 2.75 -16.22
CA LEU A 44 -13.06 3.18 -17.46
C LEU A 44 -13.17 4.68 -17.61
N ASN A 45 -12.07 5.31 -18.02
CA ASN A 45 -12.01 6.74 -18.27
C ASN A 45 -12.63 7.58 -17.19
N ASN A 46 -12.42 7.20 -15.94
CA ASN A 46 -12.98 7.96 -14.84
C ASN A 46 -11.94 8.96 -14.39
N PRO A 47 -12.25 10.26 -14.49
CA PRO A 47 -11.29 11.32 -14.20
C PRO A 47 -10.75 11.20 -12.79
N TRP A 48 -11.56 10.72 -11.87
CA TRP A 48 -11.16 10.67 -10.47
C TRP A 48 -10.26 9.47 -10.22
N VAL A 49 -10.07 8.65 -11.24
CA VAL A 49 -9.18 7.51 -11.13
C VAL A 49 -7.88 7.69 -11.89
N TYR A 50 -7.96 8.02 -13.17
CA TYR A 50 -6.74 8.05 -13.96
C TYR A 50 -5.80 9.21 -13.63
N LEU A 51 -6.28 10.32 -13.12
CA LEU A 51 -5.35 11.41 -12.80
C LEU A 51 -4.93 11.34 -11.34
N PRO A 52 -3.62 11.20 -11.10
CA PRO A 52 -2.88 10.85 -9.89
C PRO A 52 -3.03 11.76 -8.67
N GLY A 53 -3.21 13.05 -8.88
CA GLY A 53 -3.01 14.02 -7.81
C GLY A 53 -4.15 14.16 -6.84
N ILE A 54 -5.23 13.43 -7.08
CA ILE A 54 -6.41 13.51 -6.24
C ILE A 54 -6.59 12.19 -5.50
N TYR A 55 -5.46 11.54 -5.22
CA TYR A 55 -5.48 10.31 -4.45
C TYR A 55 -6.10 10.42 -3.04
N PRO A 56 -5.80 11.50 -2.28
CA PRO A 56 -6.32 11.51 -0.90
C PRO A 56 -7.84 11.41 -0.82
N ARG A 57 -8.55 11.97 -1.78
CA ARG A 57 -10.00 11.99 -1.67
C ARG A 57 -10.58 10.61 -1.57
N ASN A 58 -9.96 9.66 -2.25
CA ASN A 58 -10.46 8.30 -2.29
C ASN A 58 -10.63 7.68 -0.92
N MET A 59 -9.89 8.20 0.05
CA MET A 59 -9.91 7.74 1.45
C MET A 59 -10.91 8.37 2.42
N LYS A 60 -11.76 9.28 1.94
CA LYS A 60 -12.74 9.92 2.81
C LYS A 60 -13.70 8.88 3.32
N LEU A 61 -14.22 9.08 4.52
CA LEU A 61 -15.15 8.14 5.13
C LEU A 61 -16.44 7.98 4.33
N ASP A 62 -16.92 9.07 3.76
CA ASP A 62 -18.15 8.99 2.97
C ASP A 62 -17.85 8.52 1.55
N SER A 63 -16.57 8.35 1.25
CA SER A 63 -16.18 7.95 -0.10
C SER A 63 -16.75 6.62 -0.49
N LYS A 64 -17.23 6.58 -1.72
CA LYS A 64 -17.82 5.42 -2.33
C LYS A 64 -16.88 4.26 -2.58
N THR A 65 -15.64 4.58 -2.93
CA THR A 65 -14.66 3.60 -3.38
C THR A 65 -13.92 2.83 -2.30
N ALA A 66 -14.47 2.79 -1.08
CA ALA A 66 -13.82 2.02 -0.02
C ALA A 66 -14.82 1.43 0.96
N SER A 67 -14.45 0.32 1.60
CA SER A 67 -15.37 -0.42 2.45
C SER A 67 -15.27 -0.13 3.95
N PHE A 68 -14.10 0.29 4.41
CA PHE A 68 -13.90 0.67 5.81
C PHE A 68 -14.41 -0.34 6.84
N TYR A 69 -13.81 -1.52 6.86
CA TYR A 69 -14.08 -2.50 7.91
C TYR A 69 -13.60 -1.98 9.25
N THR A 70 -14.33 -2.28 10.32
CA THR A 70 -13.94 -1.84 11.65
C THR A 70 -13.60 -3.00 12.58
N SER A 71 -12.43 -2.89 13.21
CA SER A 71 -11.90 -3.91 14.10
C SER A 71 -12.54 -3.95 15.49
N ASN A 72 -12.43 -5.10 16.15
CA ASN A 72 -12.81 -5.21 17.55
C ASN A 72 -11.86 -4.38 18.39
N PRO A 73 -12.35 -3.79 19.49
CA PRO A 73 -11.47 -2.95 20.32
C PRO A 73 -10.33 -3.76 20.94
N SER A 74 -9.16 -3.15 21.07
CA SER A 74 -8.02 -3.82 21.71
C SER A 74 -7.34 -2.93 22.73
N PRO A 75 -6.94 -3.51 23.87
CA PRO A 75 -6.16 -2.83 24.92
C PRO A 75 -4.82 -2.30 24.41
N HIS A 76 -4.22 -3.01 23.47
CA HIS A 76 -2.89 -2.66 22.97
C HIS A 76 -2.89 -1.34 22.22
N LEU A 77 -4.04 -0.97 21.68
CA LEU A 77 -4.21 0.30 21.01
C LEU A 77 -4.89 1.30 21.93
N ASN A 78 -4.88 1.02 23.22
CA ASN A 78 -5.57 1.84 24.22
C ASN A 78 -7.06 1.95 23.94
N GLY A 79 -7.69 0.83 23.61
CA GLY A 79 -9.13 0.77 23.47
C GLY A 79 -9.60 1.27 22.12
N ARG A 80 -8.63 1.59 21.27
CA ARG A 80 -8.91 2.12 19.94
C ARG A 80 -9.45 1.05 19.01
N ARG A 81 -10.33 1.44 18.09
CA ARG A 81 -10.92 0.51 17.13
C ARG A 81 -10.53 0.87 15.72
N ALA A 82 -9.35 0.48 15.29
CA ALA A 82 -8.86 0.91 13.99
C ALA A 82 -9.74 0.39 12.86
N ILE A 83 -10.09 1.29 11.94
CA ILE A 83 -10.76 0.89 10.72
C ILE A 83 -9.74 0.26 9.78
N VAL A 84 -10.17 -0.66 8.93
CA VAL A 84 -9.27 -1.33 8.00
C VAL A 84 -9.87 -1.28 6.60
N PRO A 85 -9.71 -0.15 5.91
CA PRO A 85 -10.34 0.13 4.63
C PRO A 85 -9.92 -0.82 3.51
N CYS A 86 -10.84 -1.10 2.61
CA CYS A 86 -10.55 -1.98 1.49
C CYS A 86 -11.07 -1.34 0.22
N ALA A 87 -10.40 -1.61 -0.89
CA ALA A 87 -10.79 -1.02 -2.16
C ALA A 87 -12.14 -1.55 -2.61
N ASN A 88 -12.91 -0.70 -3.27
CA ASN A 88 -14.21 -1.08 -3.80
C ASN A 88 -14.45 -0.40 -5.15
N VAL A 89 -13.65 -0.76 -6.12
CA VAL A 89 -13.81 -0.27 -7.47
C VAL A 89 -13.05 -1.25 -8.35
N LEU A 90 -13.40 -1.35 -9.62
CA LEU A 90 -12.68 -2.24 -10.51
C LEU A 90 -11.25 -1.78 -10.61
N GLY A 91 -10.32 -2.72 -10.67
CA GLY A 91 -8.90 -2.41 -10.62
C GLY A 91 -8.42 -2.42 -9.19
N GLY A 92 -9.34 -2.58 -8.25
CA GLY A 92 -9.01 -2.71 -6.85
C GLY A 92 -8.33 -1.49 -6.28
N GLY A 93 -7.27 -1.72 -5.52
CA GLY A 93 -6.53 -0.65 -4.88
C GLY A 93 -5.60 0.08 -5.82
N SER A 94 -5.42 -0.47 -7.02
CA SER A 94 -4.62 0.20 -8.03
C SER A 94 -5.29 1.48 -8.50
N SER A 95 -6.60 1.55 -8.36
CA SER A 95 -7.36 2.76 -8.69
C SER A 95 -7.40 3.75 -7.54
N ILE A 96 -6.86 3.35 -6.40
CA ILE A 96 -6.99 4.13 -5.18
C ILE A 96 -5.64 4.50 -4.58
N ASN A 97 -4.62 3.69 -4.86
CA ASN A 97 -3.38 3.74 -4.12
C ASN A 97 -2.64 5.07 -4.23
N PHE A 98 -1.64 5.23 -3.36
CA PHE A 98 -0.84 6.44 -3.30
C PHE A 98 0.17 6.44 -4.42
N MET A 99 0.23 5.33 -5.15
CA MET A 99 1.13 5.17 -6.29
C MET A 99 2.60 5.15 -5.91
N MET A 100 2.90 4.78 -4.68
CA MET A 100 4.28 4.55 -4.30
C MET A 100 4.80 3.31 -5.00
N TYR A 101 6.02 3.38 -5.52
CA TYR A 101 6.65 2.20 -6.11
C TYR A 101 7.78 1.75 -5.23
N THR A 102 7.84 0.45 -4.95
CA THR A 102 9.01 -0.14 -4.35
C THR A 102 8.93 -1.65 -4.43
N ARG A 103 10.06 -2.30 -4.21
CA ARG A 103 10.17 -3.72 -4.44
C ARG A 103 10.83 -4.39 -3.25
N GLY A 104 10.41 -5.60 -2.93
CA GLY A 104 10.86 -6.26 -1.71
C GLY A 104 12.24 -6.87 -1.82
N SER A 105 12.75 -7.32 -0.68
CA SER A 105 14.05 -7.98 -0.63
C SER A 105 13.99 -9.36 -1.28
N ALA A 106 15.11 -9.81 -1.83
CA ALA A 106 15.18 -11.12 -2.45
C ALA A 106 14.98 -12.23 -1.43
N SER A 107 15.28 -11.95 -0.17
CA SER A 107 15.08 -12.93 0.89
C SER A 107 13.61 -13.23 1.13
N ASP A 108 12.75 -12.26 0.81
CA ASP A 108 11.32 -12.37 1.10
C ASP A 108 10.66 -13.52 0.36
N TYR A 109 10.87 -13.57 -0.95
CA TYR A 109 10.25 -14.59 -1.76
C TYR A 109 10.86 -15.94 -1.45
N ASP A 110 12.12 -15.94 -1.01
CA ASP A 110 12.78 -17.14 -0.55
C ASP A 110 12.13 -17.63 0.74
N ASP A 111 11.56 -16.71 1.52
CA ASP A 111 10.93 -17.06 2.78
C ASP A 111 9.59 -17.79 2.63
N PHE A 112 8.98 -17.70 1.46
CA PHE A 112 7.76 -18.45 1.22
C PHE A 112 8.05 -19.94 1.25
N GLN A 113 9.29 -20.28 0.90
CA GLN A 113 9.80 -21.66 0.82
C GLN A 113 8.82 -22.60 0.13
N ALA A 114 8.16 -22.06 -0.89
CA ALA A 114 7.30 -22.84 -1.77
C ALA A 114 8.14 -23.66 -2.73
N GLU A 115 7.54 -24.71 -3.30
CA GLU A 115 8.24 -25.56 -4.27
C GLU A 115 8.67 -24.72 -5.46
N GLY A 116 7.89 -23.69 -5.76
CA GLY A 116 8.28 -22.66 -6.71
C GLY A 116 8.46 -21.37 -5.95
N TRP A 117 8.06 -20.26 -6.55
CA TRP A 117 7.99 -18.98 -5.87
C TRP A 117 9.32 -18.44 -5.34
N LYS A 118 10.43 -19.03 -5.80
CA LYS A 118 11.76 -18.51 -5.47
C LYS A 118 12.07 -17.26 -6.27
N THR A 119 12.89 -16.38 -5.71
CA THR A 119 13.17 -15.09 -6.35
C THR A 119 13.87 -15.30 -7.68
N LYS A 120 14.69 -16.35 -7.74
CA LYS A 120 15.45 -16.65 -8.94
C LYS A 120 14.52 -16.98 -10.10
N ASP A 121 13.37 -17.56 -9.77
CA ASP A 121 12.38 -17.95 -10.77
C ASP A 121 11.44 -16.81 -11.10
N LEU A 122 11.11 -16.01 -10.09
CA LEU A 122 10.15 -14.93 -10.26
C LEU A 122 10.75 -13.66 -10.85
N LEU A 123 12.06 -13.59 -10.89
CA LEU A 123 12.71 -12.41 -11.46
C LEU A 123 12.30 -12.11 -12.91
N PRO A 124 12.37 -13.11 -13.82
CA PRO A 124 11.85 -12.81 -15.16
C PRO A 124 10.38 -12.40 -15.19
N LEU A 125 9.55 -12.98 -14.32
CA LEU A 125 8.13 -12.64 -14.30
C LEU A 125 7.89 -11.25 -13.77
N MET A 126 8.69 -10.82 -12.80
CA MET A 126 8.64 -9.45 -12.33
C MET A 126 9.09 -8.51 -13.43
N LYS A 127 10.02 -9.00 -14.23
CA LYS A 127 10.57 -8.23 -15.34
C LYS A 127 9.57 -8.04 -16.49
N LYS A 128 8.60 -8.96 -16.60
CA LYS A 128 7.64 -8.93 -17.70
C LYS A 128 6.46 -8.01 -17.50
N THR A 129 6.29 -7.45 -16.31
CA THR A 129 5.04 -6.77 -16.01
C THR A 129 5.10 -5.24 -15.93
N GLU A 130 6.27 -4.62 -16.14
CA GLU A 130 6.31 -3.16 -16.20
C GLU A 130 7.41 -2.60 -17.09
N THR A 131 7.12 -1.48 -17.74
CA THR A 131 8.15 -0.69 -18.41
C THR A 131 8.67 0.33 -17.42
N TYR A 132 9.89 0.79 -17.62
CA TYR A 132 10.59 1.49 -16.57
C TYR A 132 11.07 2.85 -17.07
N GLN A 133 10.22 3.85 -16.93
CA GLN A 133 10.43 5.16 -17.54
C GLN A 133 11.67 5.84 -17.00
N ARG A 134 12.09 5.45 -15.81
CA ARG A 134 13.28 6.02 -15.17
C ARG A 134 14.54 5.68 -15.95
N ALA A 135 15.58 6.50 -15.75
CA ALA A 135 16.87 6.31 -16.36
C ALA A 135 17.61 5.21 -15.63
N CYS A 136 17.19 3.97 -15.86
CA CYS A 136 17.76 2.80 -15.20
C CYS A 136 19.23 2.54 -15.43
N ASN A 137 19.90 2.12 -14.36
CA ASN A 137 21.32 1.77 -14.36
C ASN A 137 21.46 0.26 -14.26
N ASN A 138 20.59 -0.34 -13.47
CA ASN A 138 20.55 -1.77 -13.30
C ASN A 138 19.49 -2.23 -14.28
N PRO A 139 19.91 -2.42 -15.59
CA PRO A 139 18.85 -2.81 -16.53
C PRO A 139 18.64 -4.31 -16.60
N ASP A 140 19.44 -5.08 -15.87
CA ASP A 140 19.30 -6.51 -15.90
C ASP A 140 18.20 -6.99 -14.98
N ILE A 141 17.47 -6.05 -14.38
CA ILE A 141 16.40 -6.47 -13.48
C ILE A 141 15.07 -5.80 -13.82
N HIS A 142 15.08 -4.49 -13.97
CA HIS A 142 13.88 -3.78 -14.37
C HIS A 142 13.45 -4.12 -15.78
N GLY A 143 12.15 -4.31 -15.97
CA GLY A 143 11.62 -4.54 -17.31
C GLY A 143 11.62 -3.22 -18.04
N PHE A 144 11.54 -3.26 -19.36
CA PHE A 144 11.61 -2.04 -20.16
C PHE A 144 10.47 -1.91 -21.16
N GLU A 145 9.58 -2.90 -21.20
CA GLU A 145 8.48 -2.88 -22.15
C GLU A 145 7.22 -3.56 -21.63
N GLY A 146 7.02 -3.51 -20.32
CA GLY A 146 5.79 -4.03 -19.73
C GLY A 146 4.62 -3.09 -19.90
N PRO A 147 3.40 -3.62 -19.73
CA PRO A 147 2.14 -2.89 -19.83
C PRO A 147 2.00 -1.75 -18.84
N ILE A 148 2.56 -1.91 -17.64
CA ILE A 148 2.38 -0.90 -16.60
C ILE A 148 3.62 -0.03 -16.52
N LYS A 149 3.41 1.28 -16.42
CA LYS A 149 4.52 2.21 -16.56
C LYS A 149 4.87 2.84 -15.21
N VAL A 150 6.17 3.06 -14.98
CA VAL A 150 6.65 3.57 -13.70
C VAL A 150 7.63 4.73 -13.88
N SER A 151 7.46 5.82 -13.15
CA SER A 151 8.32 6.99 -13.33
C SER A 151 8.35 7.94 -12.13
N PHE A 152 9.04 9.05 -12.33
CA PHE A 152 9.09 10.13 -11.34
C PHE A 152 7.94 11.12 -11.48
N GLY A 153 7.07 10.90 -12.45
CA GLY A 153 5.93 11.77 -12.64
C GLY A 153 6.35 13.03 -13.38
N ASN A 154 5.44 13.96 -13.57
CA ASN A 154 5.75 15.17 -14.32
C ASN A 154 5.93 16.41 -13.47
N TYR A 155 6.00 16.25 -12.16
CA TYR A 155 6.27 17.38 -11.31
C TYR A 155 7.08 16.91 -10.12
N THR A 156 7.90 17.79 -9.58
CA THR A 156 8.75 17.44 -8.45
C THR A 156 8.83 18.56 -7.45
N TYR A 157 8.26 18.34 -6.28
CA TYR A 157 8.40 19.29 -5.20
C TYR A 157 9.85 19.32 -4.76
N PRO A 158 10.36 20.51 -4.42
CA PRO A 158 11.77 20.69 -4.06
C PRO A 158 12.13 20.08 -2.71
N VAL A 159 11.16 19.44 -2.06
CA VAL A 159 11.37 18.80 -0.77
C VAL A 159 12.38 17.66 -0.84
N CYS A 160 12.41 16.96 -1.98
CA CYS A 160 13.20 15.74 -2.08
C CYS A 160 14.70 15.96 -1.95
N GLN A 161 15.22 17.05 -2.53
CA GLN A 161 16.64 17.28 -2.45
C GLN A 161 17.04 17.54 -1.00
N ASP A 162 16.18 18.25 -0.29
CA ASP A 162 16.44 18.57 1.11
C ASP A 162 16.40 17.30 1.94
N PHE A 163 15.44 16.43 1.64
CA PHE A 163 15.31 15.21 2.41
C PHE A 163 16.51 14.32 2.19
N LEU A 164 17.09 14.39 1.00
CA LEU A 164 18.26 13.58 0.70
C LEU A 164 19.52 14.13 1.34
N ARG A 165 19.72 15.44 1.27
CA ARG A 165 20.85 16.06 1.94
C ARG A 165 20.76 15.92 3.45
N ALA A 166 19.54 15.86 3.98
CA ALA A 166 19.34 15.68 5.41
C ALA A 166 19.57 14.24 5.83
N SER A 167 19.06 13.30 5.06
CA SER A 167 19.24 11.88 5.35
C SER A 167 20.68 11.46 5.21
N GLU A 168 21.40 12.07 4.27
CA GLU A 168 22.77 11.67 4.00
C GLU A 168 23.68 12.00 5.18
N SER A 169 23.28 13.00 5.97
CA SER A 169 24.07 13.43 7.12
C SER A 169 23.84 12.57 8.35
N GLN A 170 22.85 11.69 8.27
CA GLN A 170 22.54 10.81 9.40
C GLN A 170 23.19 9.45 9.24
N GLY A 171 24.15 9.35 8.33
CA GLY A 171 24.83 8.11 8.11
C GLY A 171 24.06 7.16 7.22
N ILE A 172 23.02 7.67 6.56
CA ILE A 172 22.25 6.86 5.62
C ILE A 172 22.70 7.13 4.20
N PRO A 173 23.29 6.11 3.55
CA PRO A 173 23.84 6.20 2.19
C PRO A 173 22.79 6.51 1.15
N TYR A 174 23.16 7.23 0.10
CA TYR A 174 22.21 7.54 -0.95
C TYR A 174 22.49 6.53 -2.05
N VAL A 175 21.50 5.71 -2.36
CA VAL A 175 21.61 4.68 -3.37
C VAL A 175 20.70 5.02 -4.52
N ASP A 176 21.23 4.94 -5.74
CA ASP A 176 20.44 5.27 -6.92
C ASP A 176 19.23 4.38 -7.07
N ASP A 177 19.39 3.07 -6.84
CA ASP A 177 18.26 2.17 -6.93
C ASP A 177 18.08 1.41 -5.63
N LEU A 178 16.96 1.65 -4.96
CA LEU A 178 16.66 0.95 -3.72
C LEU A 178 15.78 -0.27 -4.00
N GLU A 179 15.42 -0.43 -5.26
CA GLU A 179 14.58 -1.52 -5.72
C GLU A 179 15.44 -2.64 -6.26
N ASP A 180 16.73 -2.55 -6.00
CA ASP A 180 17.71 -3.51 -6.45
C ASP A 180 17.42 -4.89 -5.92
N LEU A 181 16.80 -4.94 -4.74
CA LEU A 181 16.43 -6.18 -4.04
C LEU A 181 17.53 -6.66 -3.11
N VAL A 182 18.64 -5.93 -3.08
CA VAL A 182 19.74 -6.29 -2.19
C VAL A 182 20.24 -5.07 -1.44
N THR A 183 19.46 -4.58 -0.49
CA THR A 183 19.88 -3.42 0.28
C THR A 183 19.11 -3.24 1.59
N ALA A 184 19.73 -2.55 2.55
CA ALA A 184 19.09 -2.27 3.83
C ALA A 184 19.03 -0.76 3.95
N HIS A 185 20.18 -0.13 4.18
CA HIS A 185 20.26 1.33 4.24
C HIS A 185 20.14 1.93 2.87
N GLY A 186 19.48 3.07 2.78
CA GLY A 186 19.42 3.75 1.50
C GLY A 186 18.58 4.99 1.52
N ALA A 187 18.55 5.68 0.40
CA ALA A 187 17.73 6.86 0.22
C ALA A 187 17.53 6.91 -1.27
N GLU A 188 16.42 7.45 -1.73
CA GLU A 188 16.19 7.53 -3.16
C GLU A 188 15.11 8.52 -3.49
N HIS A 189 15.06 8.98 -4.73
CA HIS A 189 14.00 9.86 -5.13
C HIS A 189 13.00 8.77 -5.44
N TRP A 190 11.96 8.67 -4.63
CA TRP A 190 10.99 7.60 -4.80
C TRP A 190 10.22 7.61 -6.12
N LEU A 191 10.11 6.43 -6.71
CA LEU A 191 9.40 6.19 -7.97
C LEU A 191 7.90 6.18 -7.75
N LYS A 192 7.12 6.33 -8.82
CA LYS A 192 5.68 6.35 -8.69
C LYS A 192 5.00 5.58 -9.80
N TRP A 193 3.80 5.06 -9.55
CA TRP A 193 3.10 4.33 -10.60
C TRP A 193 2.36 5.35 -11.44
N ILE A 194 3.09 6.21 -12.12
CA ILE A 194 2.51 7.22 -12.99
C ILE A 194 3.11 7.13 -14.38
N ASN A 195 2.24 7.10 -15.38
CA ASN A 195 2.67 7.07 -16.76
C ASN A 195 3.23 8.44 -17.13
N ARG A 196 4.55 8.56 -17.21
CA ARG A 196 5.18 9.85 -17.43
C ARG A 196 4.82 10.41 -18.79
N ASP A 197 4.50 9.52 -19.72
CA ASP A 197 4.23 9.90 -21.09
C ASP A 197 2.85 10.51 -21.26
N THR A 198 2.05 10.46 -20.20
CA THR A 198 0.68 10.94 -20.28
C THR A 198 0.26 11.65 -18.99
N GLY A 199 0.85 11.24 -17.87
CA GLY A 199 0.51 11.78 -16.58
C GLY A 199 -0.65 11.09 -15.91
N ARG A 200 -1.20 10.07 -16.56
CA ARG A 200 -2.24 9.24 -15.97
C ARG A 200 -1.72 8.26 -14.92
N ARG A 201 -2.57 7.89 -13.97
CA ARG A 201 -2.28 6.81 -13.05
C ARG A 201 -2.09 5.52 -13.83
N SER A 202 -1.17 4.66 -13.37
CA SER A 202 -0.95 3.38 -14.04
C SER A 202 -1.58 2.22 -13.28
N ASP A 203 -2.91 2.22 -13.17
CA ASP A 203 -3.60 1.10 -12.55
C ASP A 203 -3.65 -0.12 -13.46
N SER A 204 -3.77 -1.30 -12.86
CA SER A 204 -3.78 -2.55 -13.59
C SER A 204 -5.01 -2.72 -14.47
N ALA A 205 -6.10 -2.06 -14.12
CA ALA A 205 -7.35 -2.23 -14.85
C ALA A 205 -7.25 -1.71 -16.28
N HIS A 206 -6.81 -0.46 -16.45
CA HIS A 206 -6.63 0.09 -17.78
C HIS A 206 -5.55 -0.63 -18.58
N ALA A 207 -4.55 -1.16 -17.87
CA ALA A 207 -3.41 -1.76 -18.53
C ALA A 207 -3.69 -3.18 -19.00
N PHE A 208 -4.59 -3.87 -18.31
CA PHE A 208 -4.85 -5.27 -18.59
C PHE A 208 -6.28 -5.55 -19.05
N VAL A 209 -7.25 -4.98 -18.36
CA VAL A 209 -8.64 -5.30 -18.64
C VAL A 209 -9.24 -4.45 -19.74
N HIS A 210 -9.18 -3.14 -19.61
CA HIS A 210 -9.82 -2.28 -20.59
C HIS A 210 -9.03 -2.20 -21.90
N SER A 211 -7.77 -2.60 -21.86
CA SER A 211 -6.97 -2.66 -23.07
C SER A 211 -7.22 -3.94 -23.83
N THR A 212 -7.63 -4.98 -23.13
CA THR A 212 -7.94 -6.26 -23.76
C THR A 212 -9.34 -6.25 -24.36
N MET A 213 -10.29 -5.65 -23.65
CA MET A 213 -11.67 -5.68 -24.08
C MET A 213 -11.89 -4.91 -25.37
N ARG A 214 -11.12 -3.84 -25.59
CA ARG A 214 -11.33 -3.12 -26.84
C ARG A 214 -10.91 -4.03 -27.98
N ASN A 215 -9.75 -4.62 -27.82
CA ASN A 215 -9.16 -5.54 -28.78
C ASN A 215 -9.79 -6.93 -28.96
N HIS A 216 -10.19 -7.56 -27.87
CA HIS A 216 -10.76 -8.90 -27.94
C HIS A 216 -12.15 -9.11 -27.36
N ASP A 217 -13.00 -9.78 -28.14
CA ASP A 217 -14.36 -10.09 -27.76
C ASP A 217 -14.58 -11.06 -26.60
N ASN A 218 -13.68 -12.03 -26.48
CA ASN A 218 -13.77 -13.07 -25.46
C ASN A 218 -13.50 -12.74 -23.99
N LEU A 219 -13.94 -11.58 -23.53
CA LEU A 219 -13.75 -11.21 -22.13
C LEU A 219 -15.03 -10.56 -21.66
N TYR A 220 -15.54 -10.97 -20.51
CA TYR A 220 -16.76 -10.40 -19.99
C TYR A 220 -16.55 -9.75 -18.65
N LEU A 221 -17.01 -8.52 -18.49
CA LEU A 221 -16.87 -7.82 -17.24
C LEU A 221 -18.21 -7.71 -16.55
N ILE A 222 -18.32 -8.33 -15.38
CA ILE A 222 -19.56 -8.31 -14.62
C ILE A 222 -19.41 -7.47 -13.37
N CYS A 223 -19.40 -6.15 -13.55
CA CYS A 223 -19.29 -5.20 -12.46
C CYS A 223 -20.58 -5.13 -11.65
N ASN A 224 -20.47 -4.68 -10.40
CA ASN A 224 -21.59 -4.54 -9.47
C ASN A 224 -22.28 -5.84 -9.09
N THR A 225 -21.53 -6.91 -8.89
CA THR A 225 -22.10 -8.16 -8.39
C THR A 225 -21.23 -8.81 -7.33
N LYS A 226 -21.55 -8.54 -6.07
CA LYS A 226 -20.81 -9.12 -4.96
C LYS A 226 -20.98 -10.62 -4.91
N VAL A 227 -19.89 -11.34 -4.71
CA VAL A 227 -19.95 -12.79 -4.56
C VAL A 227 -20.54 -13.17 -3.21
N ASP A 228 -21.33 -14.24 -3.19
CA ASP A 228 -21.91 -14.75 -1.96
C ASP A 228 -21.15 -15.97 -1.49
N LYS A 229 -20.98 -16.92 -2.39
CA LYS A 229 -20.57 -18.27 -2.04
C LYS A 229 -19.98 -18.95 -3.26
N ILE A 230 -19.14 -19.96 -3.04
CA ILE A 230 -18.67 -20.77 -4.15
C ILE A 230 -19.24 -22.17 -4.04
N ILE A 231 -20.23 -22.47 -4.86
CA ILE A 231 -20.85 -23.79 -4.87
C ILE A 231 -19.82 -24.83 -5.27
N VAL A 232 -19.83 -25.96 -4.58
CA VAL A 232 -18.91 -27.04 -4.91
C VAL A 232 -19.61 -28.39 -4.77
N GLU A 233 -19.37 -29.27 -5.75
CA GLU A 233 -20.00 -30.57 -5.76
C GLU A 233 -19.12 -31.55 -6.53
N ASP A 234 -19.21 -32.83 -6.15
CA ASP A 234 -18.47 -33.90 -6.81
C ASP A 234 -16.96 -33.60 -6.75
N GLY A 235 -16.57 -32.77 -5.80
CA GLY A 235 -15.19 -32.41 -5.62
C GLY A 235 -14.71 -31.26 -6.49
N ARG A 236 -15.58 -30.73 -7.34
CA ARG A 236 -15.17 -29.63 -8.22
C ARG A 236 -15.94 -28.35 -7.90
N ALA A 237 -15.23 -27.22 -7.92
CA ALA A 237 -15.87 -25.92 -7.70
C ALA A 237 -16.44 -25.39 -9.00
N ALA A 238 -17.70 -25.72 -9.27
CA ALA A 238 -18.28 -25.46 -10.58
C ALA A 238 -19.23 -24.26 -10.65
N ALA A 239 -19.38 -23.52 -9.57
CA ALA A 239 -20.33 -22.41 -9.58
C ALA A 239 -20.03 -21.34 -8.54
N VAL A 240 -20.60 -20.16 -8.75
CA VAL A 240 -20.45 -19.07 -7.79
C VAL A 240 -21.69 -18.17 -7.75
N ARG A 241 -22.60 -18.45 -6.81
CA ARG A 241 -23.78 -17.61 -6.68
C ARG A 241 -23.41 -16.22 -6.19
N THR A 242 -24.06 -15.22 -6.77
CA THR A 242 -23.70 -13.83 -6.49
C THR A 242 -24.94 -13.05 -6.09
N VAL A 243 -24.73 -11.94 -5.40
CA VAL A 243 -25.81 -11.07 -4.97
C VAL A 243 -25.47 -9.65 -5.37
N PRO A 244 -26.49 -8.79 -5.57
CA PRO A 244 -26.18 -7.41 -5.91
C PRO A 244 -25.40 -6.70 -4.82
N SER A 245 -24.51 -5.79 -5.21
CA SER A 245 -23.64 -5.12 -4.26
C SER A 245 -24.42 -4.26 -3.27
N LYS A 246 -25.58 -3.77 -3.68
CA LYS A 246 -26.41 -2.93 -2.81
C LYS A 246 -27.85 -3.40 -2.84
N PRO A 247 -28.39 -3.77 -1.67
CA PRO A 247 -29.73 -4.35 -1.50
C PRO A 247 -30.85 -3.33 -1.56
N LEU A 248 -31.18 -2.85 -2.76
CA LEU A 248 -32.14 -1.77 -2.92
C LEU A 248 -33.60 -2.22 -2.97
N ASN A 249 -33.84 -3.52 -2.96
CA ASN A 249 -35.20 -4.04 -3.06
C ASN A 249 -35.48 -5.04 -1.96
N PRO A 250 -35.78 -4.55 -0.74
CA PRO A 250 -35.86 -5.39 0.45
C PRO A 250 -36.86 -6.55 0.36
N LYS A 251 -38.00 -6.35 -0.30
CA LYS A 251 -39.03 -7.38 -0.33
C LYS A 251 -38.67 -8.61 -1.18
N LYS A 252 -37.87 -8.41 -2.22
CA LYS A 252 -37.53 -9.50 -3.13
C LYS A 252 -36.04 -9.55 -3.43
N PRO A 253 -35.26 -10.14 -2.52
CA PRO A 253 -33.81 -10.27 -2.71
C PRO A 253 -33.45 -11.11 -3.93
N SER A 254 -32.37 -10.76 -4.61
CA SER A 254 -32.02 -11.41 -5.87
C SER A 254 -30.65 -12.07 -5.82
N HIS A 255 -30.46 -13.07 -6.67
CA HIS A 255 -29.16 -13.74 -6.77
C HIS A 255 -29.05 -14.41 -8.13
N LYS A 256 -27.82 -14.76 -8.50
CA LYS A 256 -27.58 -15.39 -9.80
C LYS A 256 -26.41 -16.35 -9.70
N ILE A 257 -26.49 -17.48 -10.39
CA ILE A 257 -25.46 -18.51 -10.28
C ILE A 257 -24.72 -18.71 -11.59
N TYR A 258 -23.52 -18.14 -11.67
CA TYR A 258 -22.61 -18.34 -12.79
C TYR A 258 -21.92 -19.69 -12.74
N ARG A 259 -21.54 -20.21 -13.89
CA ARG A 259 -20.87 -21.51 -13.95
C ARG A 259 -19.50 -21.43 -14.62
N ALA A 260 -18.54 -22.17 -14.09
CA ALA A 260 -17.20 -22.20 -14.67
C ALA A 260 -16.92 -23.60 -15.19
N ARG A 261 -16.66 -23.73 -16.48
CA ARG A 261 -16.39 -25.04 -17.06
C ARG A 261 -15.13 -25.75 -16.59
N LYS A 262 -14.01 -25.03 -16.53
CA LYS A 262 -12.76 -25.67 -16.12
C LYS A 262 -12.00 -25.09 -14.94
N GLN A 263 -12.07 -23.78 -14.73
CA GLN A 263 -11.35 -23.17 -13.63
C GLN A 263 -12.09 -22.05 -12.94
N ILE A 264 -11.72 -21.79 -11.69
CA ILE A 264 -12.30 -20.73 -10.88
C ILE A 264 -11.13 -20.04 -10.21
N VAL A 265 -11.25 -18.77 -9.86
CA VAL A 265 -10.14 -18.07 -9.24
C VAL A 265 -10.58 -16.96 -8.29
N LEU A 266 -10.06 -16.98 -7.07
CA LEU A 266 -10.35 -15.97 -6.06
C LEU A 266 -9.31 -14.88 -5.99
N SER A 267 -9.65 -13.69 -6.48
CA SER A 267 -8.75 -12.55 -6.37
C SER A 267 -9.45 -11.40 -5.66
N CYS A 268 -10.13 -11.71 -4.57
CA CYS A 268 -10.98 -10.77 -3.85
C CYS A 268 -10.25 -9.94 -2.79
N GLY A 269 -8.94 -10.10 -2.69
CA GLY A 269 -8.17 -9.38 -1.68
C GLY A 269 -8.05 -10.21 -0.42
N THR A 270 -7.18 -9.81 0.50
CA THR A 270 -6.91 -10.63 1.66
C THR A 270 -7.97 -10.57 2.74
N ILE A 271 -8.87 -9.61 2.66
CA ILE A 271 -9.96 -9.54 3.64
C ILE A 271 -11.20 -10.26 3.14
N SER A 272 -11.65 -9.93 1.95
CA SER A 272 -12.85 -10.54 1.40
C SER A 272 -12.73 -12.03 1.11
N SER A 273 -11.55 -12.45 0.64
CA SER A 273 -11.36 -13.83 0.23
C SER A 273 -11.55 -14.89 1.32
N PRO A 274 -10.89 -14.73 2.48
CA PRO A 274 -11.15 -15.74 3.51
C PRO A 274 -12.63 -15.79 3.88
N LEU A 275 -13.29 -14.64 3.81
CA LEU A 275 -14.72 -14.61 4.09
C LEU A 275 -15.46 -15.46 3.05
N VAL A 276 -15.10 -15.30 1.78
CA VAL A 276 -15.78 -16.06 0.73
C VAL A 276 -15.50 -17.56 0.84
N LEU A 277 -14.31 -17.95 1.28
CA LEU A 277 -14.06 -19.37 1.50
C LEU A 277 -14.88 -19.88 2.67
N GLN A 278 -14.93 -19.08 3.72
CA GLN A 278 -15.67 -19.46 4.93
C GLN A 278 -17.18 -19.56 4.74
N ARG A 279 -17.74 -18.72 3.87
CA ARG A 279 -19.16 -18.84 3.56
C ARG A 279 -19.42 -20.11 2.77
N SER A 280 -18.41 -20.59 2.07
CA SER A 280 -18.54 -21.84 1.32
C SER A 280 -18.30 -23.05 2.20
N GLY A 281 -17.92 -22.83 3.44
CA GLY A 281 -17.70 -23.93 4.37
C GLY A 281 -16.26 -24.36 4.56
N PHE A 282 -15.32 -23.54 4.09
CA PHE A 282 -13.90 -23.83 4.29
C PHE A 282 -13.36 -23.22 5.58
N GLY A 283 -13.25 -24.02 6.62
CA GLY A 283 -12.75 -23.54 7.91
C GLY A 283 -12.96 -24.57 9.00
N ASP A 284 -12.70 -24.18 10.24
CA ASP A 284 -12.99 -25.05 11.37
C ASP A 284 -14.48 -25.29 11.49
N PRO A 285 -14.88 -26.57 11.63
CA PRO A 285 -16.31 -26.81 11.82
C PRO A 285 -16.84 -26.11 13.07
N ILE A 286 -16.01 -26.03 14.12
CA ILE A 286 -16.45 -25.43 15.38
C ILE A 286 -16.69 -23.94 15.23
N LYS A 287 -15.75 -23.25 14.59
CA LYS A 287 -15.90 -21.82 14.35
C LYS A 287 -17.02 -21.52 13.36
N LEU A 288 -17.26 -22.43 12.43
CA LEU A 288 -18.26 -22.23 11.40
C LEU A 288 -19.69 -22.54 11.84
N ARG A 289 -19.85 -23.43 12.81
CA ARG A 289 -21.19 -23.74 13.30
C ARG A 289 -21.76 -22.53 14.01
N ALA A 290 -20.90 -21.62 14.46
CA ALA A 290 -21.35 -20.39 15.08
C ALA A 290 -22.14 -19.54 14.10
N ALA A 291 -21.80 -19.61 12.82
CA ALA A 291 -22.52 -18.89 11.80
C ALA A 291 -23.53 -19.78 11.09
N GLY A 292 -23.51 -21.06 11.44
CA GLY A 292 -24.49 -22.01 10.94
C GLY A 292 -24.14 -22.62 9.59
N VAL A 293 -23.03 -22.17 9.00
CA VAL A 293 -22.58 -22.72 7.73
C VAL A 293 -22.11 -24.15 7.93
N LYS A 294 -22.47 -25.04 7.02
CA LYS A 294 -22.01 -26.42 7.09
C LYS A 294 -20.58 -26.51 6.61
N PRO A 295 -19.69 -27.08 7.43
CA PRO A 295 -18.27 -27.26 7.09
C PRO A 295 -18.04 -28.36 6.06
N LEU A 296 -17.62 -28.00 4.86
CA LEU A 296 -17.36 -28.96 3.81
C LEU A 296 -15.94 -29.50 3.86
N VAL A 297 -14.97 -28.61 4.15
CA VAL A 297 -13.57 -28.98 4.18
C VAL A 297 -12.89 -28.38 5.40
N ASN A 298 -12.00 -29.13 6.02
CA ASN A 298 -11.34 -28.71 7.25
C ASN A 298 -10.09 -27.88 6.98
N LEU A 299 -10.23 -26.56 7.01
CA LEU A 299 -9.10 -25.65 6.80
C LEU A 299 -8.99 -24.59 7.89
N PRO A 300 -8.39 -24.97 9.02
CA PRO A 300 -8.23 -24.09 10.18
C PRO A 300 -7.50 -22.81 9.82
N GLY A 301 -6.60 -22.90 8.84
CA GLY A 301 -5.74 -21.79 8.50
C GLY A 301 -6.40 -20.66 7.74
N VAL A 302 -7.61 -20.88 7.24
CA VAL A 302 -8.32 -19.79 6.57
C VAL A 302 -8.64 -18.71 7.60
N GLY A 303 -8.36 -17.46 7.24
CA GLY A 303 -8.68 -16.33 8.10
C GLY A 303 -7.60 -16.00 9.10
N ARG A 304 -6.70 -16.95 9.34
CA ARG A 304 -5.62 -16.77 10.30
C ARG A 304 -4.38 -16.15 9.68
N ASN A 305 -3.43 -15.75 10.52
CA ASN A 305 -2.15 -15.21 10.05
C ASN A 305 -2.30 -13.94 9.21
N PHE A 306 -3.23 -13.07 9.61
CA PHE A 306 -3.40 -11.75 9.01
C PHE A 306 -2.18 -10.88 9.33
N GLN A 307 -1.74 -10.05 8.38
CA GLN A 307 -0.54 -9.23 8.58
C GLN A 307 -0.66 -7.87 7.91
N ASP A 308 -0.09 -6.84 8.53
CA ASP A 308 -0.12 -5.49 7.98
C ASP A 308 1.23 -4.80 8.02
N HIS A 309 1.20 -3.49 7.77
CA HIS A 309 2.27 -2.57 8.13
C HIS A 309 1.70 -1.47 9.00
N TYR A 310 2.54 -0.85 9.82
CA TYR A 310 2.02 0.08 10.82
C TYR A 310 2.45 1.50 10.55
N CYS A 311 1.77 2.17 9.62
CA CYS A 311 2.09 3.54 9.30
C CYS A 311 1.60 4.50 10.36
N PHE A 312 2.30 5.62 10.54
CA PHE A 312 1.75 6.71 11.33
C PHE A 312 2.39 8.03 10.93
N PHE A 313 1.58 9.07 10.85
CA PHE A 313 1.99 10.32 10.21
C PHE A 313 2.36 11.36 11.25
N SER A 314 3.44 12.10 11.00
CA SER A 314 3.88 13.14 11.91
C SER A 314 4.20 14.44 11.17
N PRO A 315 3.21 15.30 10.96
CA PRO A 315 3.36 16.55 10.22
C PRO A 315 4.33 17.55 10.85
N TYR A 316 5.07 18.26 10.01
CA TYR A 316 5.97 19.31 10.44
C TYR A 316 5.66 20.51 9.59
N ARG A 317 5.57 21.68 10.20
CA ARG A 317 5.21 22.85 9.41
C ARG A 317 6.38 23.29 8.52
N ILE A 318 6.05 23.83 7.35
CA ILE A 318 7.05 24.24 6.36
C ILE A 318 7.04 25.77 6.29
N LYS A 319 8.10 26.37 5.77
CA LYS A 319 8.16 27.82 5.63
C LYS A 319 7.17 28.30 4.57
N PRO A 320 6.64 29.51 4.71
CA PRO A 320 5.63 30.06 3.79
C PRO A 320 6.07 30.14 2.33
N GLN A 321 7.37 30.34 2.10
CA GLN A 321 7.88 30.56 0.76
C GLN A 321 7.99 29.30 -0.09
N TYR A 322 7.81 28.14 0.54
CA TYR A 322 7.96 26.85 -0.14
C TYR A 322 6.65 26.22 -0.62
N GLU A 323 6.73 25.51 -1.75
CA GLU A 323 5.58 24.89 -2.40
C GLU A 323 5.07 23.63 -1.69
N SER A 324 3.76 23.41 -1.75
CA SER A 324 3.12 22.24 -1.15
C SER A 324 1.77 21.97 -1.81
N PHE A 325 1.29 20.73 -1.79
CA PHE A 325 0.01 20.44 -2.41
C PHE A 325 -1.09 20.68 -1.43
N ASP A 326 -0.70 21.15 -0.25
CA ASP A 326 -1.60 21.31 0.87
C ASP A 326 -2.71 22.31 0.55
N ASP A 327 -2.40 23.31 -0.26
CA ASP A 327 -3.40 24.32 -0.60
C ASP A 327 -4.29 23.94 -1.79
N PHE A 328 -3.91 22.88 -2.50
CA PHE A 328 -4.73 22.32 -3.58
C PHE A 328 -5.82 21.41 -3.03
N VAL A 329 -5.49 20.59 -2.05
CA VAL A 329 -6.44 19.68 -1.44
C VAL A 329 -7.21 20.34 -0.31
N ARG A 330 -6.85 21.59 -0.02
CA ARG A 330 -7.50 22.33 1.06
C ARG A 330 -9.02 22.45 0.94
N GLY A 331 -9.59 22.78 -0.22
CA GLY A 331 -8.88 23.17 -1.44
C GLY A 331 -9.43 24.45 -2.04
N ASP A 332 -8.55 25.36 -2.41
CA ASP A 332 -8.94 26.65 -2.97
C ASP A 332 -9.52 26.52 -4.37
N ALA A 333 -10.43 27.42 -4.71
CA ALA A 333 -11.09 27.39 -6.00
C ALA A 333 -10.28 28.05 -7.10
N GLU A 334 -9.20 28.71 -6.72
CA GLU A 334 -8.38 29.46 -7.67
C GLU A 334 -7.06 28.76 -7.96
N ILE A 335 -6.47 28.13 -6.95
CA ILE A 335 -5.26 27.34 -7.13
C ILE A 335 -5.57 26.07 -7.88
N GLN A 336 -6.66 25.43 -7.47
CA GLN A 336 -7.08 24.18 -8.05
C GLN A 336 -7.42 24.31 -9.52
N LYS A 337 -7.95 25.47 -9.90
CA LYS A 337 -8.27 25.73 -11.29
C LYS A 337 -7.03 25.78 -12.16
N ARG A 338 -5.98 26.43 -11.67
CA ARG A 338 -4.73 26.45 -12.41
C ARG A 338 -4.09 25.07 -12.46
N VAL A 339 -4.20 24.33 -11.36
CA VAL A 339 -3.59 23.01 -11.28
C VAL A 339 -4.22 22.03 -12.27
N PHE A 340 -5.53 22.12 -12.47
CA PHE A 340 -6.16 21.36 -13.56
C PHE A 340 -5.83 21.91 -14.93
N ASP A 341 -5.85 23.23 -15.05
CA ASP A 341 -5.75 23.85 -16.36
C ASP A 341 -4.40 23.56 -16.98
N GLN A 342 -3.36 23.50 -16.16
CA GLN A 342 -2.03 23.13 -16.64
C GLN A 342 -1.98 21.69 -17.10
N TRP A 343 -2.77 20.82 -16.47
CA TRP A 343 -2.73 19.41 -16.80
C TRP A 343 -3.45 19.15 -18.10
N TYR A 344 -4.58 19.81 -18.33
CA TYR A 344 -5.25 19.61 -19.61
C TYR A 344 -4.46 20.27 -20.71
N ALA A 345 -3.94 21.46 -20.43
CA ALA A 345 -3.19 22.20 -21.44
C ALA A 345 -1.91 21.50 -21.84
N ASN A 346 -1.31 20.78 -20.91
CA ASN A 346 0.04 20.26 -21.12
C ASN A 346 0.22 18.81 -20.70
N GLY A 347 -0.26 18.46 -19.51
CA GLY A 347 -0.03 17.15 -18.95
C GLY A 347 1.00 17.15 -17.84
N THR A 348 1.69 18.27 -17.65
CA THR A 348 2.70 18.38 -16.61
C THR A 348 2.32 19.41 -15.56
N GLY A 349 1.81 18.96 -14.42
CA GLY A 349 1.48 19.90 -13.35
C GLY A 349 1.62 19.25 -12.00
N PRO A 350 1.27 19.98 -10.93
CA PRO A 350 1.23 19.42 -9.59
C PRO A 350 0.26 18.26 -9.53
N LEU A 351 -0.79 18.34 -10.34
CA LEU A 351 -1.80 17.29 -10.40
C LEU A 351 -1.22 15.99 -10.93
N ALA A 352 -0.17 16.09 -11.73
CA ALA A 352 0.40 14.93 -12.38
C ALA A 352 1.47 14.27 -11.56
N THR A 353 1.32 14.27 -10.25
CA THR A 353 2.29 13.62 -9.38
C THR A 353 1.68 13.14 -8.10
N ASN A 354 2.21 12.04 -7.59
CA ASN A 354 1.81 11.48 -6.33
C ASN A 354 2.48 12.44 -5.36
N GLY A 355 1.93 12.63 -4.18
CA GLY A 355 2.54 13.55 -3.23
C GLY A 355 3.92 13.24 -2.69
N ILE A 356 4.18 11.98 -2.35
CA ILE A 356 5.46 11.54 -1.76
C ILE A 356 6.64 11.76 -2.67
N GLU A 357 7.72 12.33 -2.13
CA GLU A 357 8.87 12.61 -2.98
C GLU A 357 10.22 11.92 -2.73
N ALA A 358 10.49 11.44 -1.53
CA ALA A 358 11.77 10.79 -1.27
C ALA A 358 11.62 9.88 -0.09
N GLY A 359 12.50 8.91 0.08
CA GLY A 359 12.37 8.02 1.22
C GLY A 359 13.56 7.16 1.56
N VAL A 360 13.52 6.55 2.74
CA VAL A 360 14.69 5.94 3.34
C VAL A 360 14.40 4.61 4.03
N LYS A 361 14.81 3.50 3.42
CA LYS A 361 14.77 2.22 4.13
C LYS A 361 15.90 2.16 5.15
N ILE A 362 15.70 1.45 6.26
CA ILE A 362 16.66 1.51 7.36
C ILE A 362 16.86 0.16 8.07
N ARG A 363 18.08 -0.09 8.50
CA ARG A 363 18.43 -1.23 9.33
C ARG A 363 19.39 -0.75 10.41
N PRO A 364 18.95 -0.74 11.68
CA PRO A 364 19.67 0.03 12.71
C PRO A 364 21.10 -0.45 12.97
N THR A 365 21.97 0.51 13.27
CA THR A 365 23.34 0.23 13.70
C THR A 365 23.28 -0.43 15.06
N PRO A 366 24.13 -1.43 15.32
CA PRO A 366 24.12 -2.10 16.63
C PRO A 366 24.36 -1.15 17.79
N GLU A 367 25.16 -0.11 17.55
CA GLU A 367 25.41 0.88 18.59
C GLU A 367 24.11 1.55 19.02
N GLU A 368 23.32 2.02 18.06
CA GLU A 368 21.99 2.56 18.37
C GLU A 368 20.95 1.49 18.65
N LEU A 369 21.21 0.26 18.20
CA LEU A 369 20.33 -0.86 18.52
C LEU A 369 20.42 -1.26 19.98
N SER A 370 21.54 -0.95 20.62
CA SER A 370 21.78 -1.36 21.99
C SER A 370 20.80 -0.72 22.98
N GLN A 371 20.33 0.48 22.66
CA GLN A 371 19.40 1.19 23.53
C GLN A 371 17.94 0.80 23.32
N MET A 372 17.64 0.02 22.28
CA MET A 372 16.29 -0.48 22.07
C MET A 372 15.93 -1.49 23.14
N ASP A 373 14.63 -1.65 23.39
CA ASP A 373 14.15 -2.56 24.42
C ASP A 373 14.65 -3.97 24.15
N GLU A 374 14.96 -4.68 25.23
CA GLU A 374 15.67 -5.96 25.15
C GLU A 374 14.88 -7.01 24.37
N SER A 375 13.55 -6.89 24.41
CA SER A 375 12.70 -7.82 23.67
C SER A 375 12.93 -7.69 22.17
N PHE A 376 12.98 -6.46 21.67
CA PHE A 376 13.22 -6.27 20.25
C PHE A 376 14.62 -6.70 19.86
N GLN A 377 15.58 -6.60 20.78
CA GLN A 377 16.92 -7.07 20.49
C GLN A 377 16.87 -8.58 20.32
N GLU A 378 16.08 -9.22 21.16
CA GLU A 378 15.89 -10.66 21.10
C GLU A 378 15.20 -11.08 19.81
N GLY A 379 14.30 -10.25 19.31
CA GLY A 379 13.65 -10.55 18.05
C GLY A 379 14.57 -10.32 16.88
N TYR A 380 15.41 -9.30 17.01
CA TYR A 380 16.36 -8.93 15.97
C TYR A 380 17.37 -10.03 15.78
N ARG A 381 17.81 -10.66 16.87
CA ARG A 381 18.79 -11.72 16.70
C ARG A 381 18.27 -12.89 15.90
N GLU A 382 17.06 -13.36 16.21
CA GLU A 382 16.53 -14.46 15.42
C GLU A 382 16.09 -14.08 14.01
N TYR A 383 15.29 -13.03 13.91
CA TYR A 383 14.77 -12.57 12.62
C TYR A 383 15.63 -11.81 11.61
N PHE A 384 16.40 -10.82 12.06
CA PHE A 384 17.21 -10.02 11.15
C PHE A 384 18.70 -10.26 11.25
N GLU A 385 19.14 -10.84 12.36
CA GLU A 385 20.54 -11.09 12.56
C GLU A 385 20.99 -12.07 11.48
N ASP A 386 20.14 -13.06 11.24
CA ASP A 386 20.40 -14.08 10.24
C ASP A 386 20.48 -13.52 8.83
N LYS A 387 19.59 -12.59 8.50
CA LYS A 387 19.55 -12.01 7.16
C LYS A 387 19.93 -10.54 7.07
N PRO A 388 20.88 -10.25 6.20
CA PRO A 388 21.38 -8.89 5.97
C PRO A 388 20.47 -8.04 5.07
N ASP A 389 19.78 -8.68 4.14
CA ASP A 389 19.00 -7.95 3.13
C ASP A 389 17.87 -7.10 3.69
N LYS A 390 17.29 -7.53 4.81
CA LYS A 390 16.02 -6.98 5.26
C LYS A 390 16.12 -5.71 6.09
N PRO A 391 15.48 -4.63 5.62
CA PRO A 391 15.23 -3.41 6.39
C PRO A 391 14.30 -3.67 7.56
N VAL A 392 14.47 -2.97 8.67
CA VAL A 392 13.53 -3.13 9.79
C VAL A 392 12.39 -2.14 9.68
N MET A 393 12.62 -1.01 9.03
CA MET A 393 11.58 0.00 8.97
C MET A 393 11.84 1.04 7.90
N HIS A 394 10.76 1.64 7.42
CA HIS A 394 10.79 2.62 6.34
C HIS A 394 10.05 3.89 6.67
N TYR A 395 10.54 5.01 6.16
CA TYR A 395 9.77 6.23 6.18
C TYR A 395 10.14 7.09 4.98
N SER A 396 9.21 7.90 4.52
CA SER A 396 9.44 8.76 3.37
C SER A 396 9.02 10.16 3.75
N ILE A 397 8.77 11.01 2.78
CA ILE A 397 8.26 12.33 3.09
C ILE A 397 7.22 12.78 2.08
N ILE A 398 6.13 13.34 2.58
CA ILE A 398 5.03 13.75 1.75
C ILE A 398 5.03 15.26 1.65
N ALA A 399 4.94 15.80 0.45
CA ALA A 399 5.03 17.24 0.28
C ALA A 399 3.71 17.91 0.54
N GLY A 400 3.11 17.59 1.69
CA GLY A 400 1.83 18.14 2.06
C GLY A 400 1.33 17.41 3.28
N PHE A 401 0.09 17.63 3.66
CA PHE A 401 -0.47 16.96 4.81
C PHE A 401 -1.50 15.92 4.41
N PHE A 402 -1.16 14.64 4.54
CA PHE A 402 -2.14 13.62 4.21
C PHE A 402 -3.05 13.37 5.40
N GLY A 403 -4.19 14.05 5.40
CA GLY A 403 -5.11 13.97 6.52
C GLY A 403 -6.27 14.92 6.33
N ASP A 404 -6.97 15.19 7.43
CA ASP A 404 -8.14 16.06 7.40
C ASP A 404 -7.71 17.50 7.64
N HIS A 405 -7.78 18.34 6.61
CA HIS A 405 -7.33 19.71 6.75
C HIS A 405 -8.31 20.59 7.51
N THR A 406 -9.50 20.06 7.72
CA THR A 406 -10.49 20.78 8.51
C THR A 406 -10.06 20.82 9.98
N LYS A 407 -9.26 19.85 10.39
CA LYS A 407 -8.93 19.67 11.80
C LYS A 407 -7.53 20.13 12.17
N ILE A 408 -6.84 20.76 11.24
CA ILE A 408 -5.47 21.23 11.46
C ILE A 408 -5.30 22.73 11.14
N PRO A 409 -4.37 23.42 11.92
CA PRO A 409 -4.28 24.86 11.63
C PRO A 409 -3.88 25.22 10.22
N PRO A 410 -4.40 26.41 9.71
CA PRO A 410 -4.01 26.68 8.31
C PRO A 410 -2.53 27.02 8.11
N GLY A 411 -1.95 26.50 7.03
CA GLY A 411 -0.56 26.72 6.71
C GLY A 411 -0.17 25.68 5.68
N LYS A 412 1.13 25.51 5.47
CA LYS A 412 1.64 24.53 4.53
C LYS A 412 2.51 23.58 5.32
N TYR A 413 2.35 22.28 5.13
CA TYR A 413 3.11 21.29 5.88
C TYR A 413 3.79 20.24 5.04
N MET A 414 4.83 19.65 5.60
CA MET A 414 5.55 18.55 4.97
C MET A 414 5.27 17.51 6.03
N THR A 415 4.79 16.34 5.65
CA THR A 415 4.48 15.32 6.64
C THR A 415 5.28 14.04 6.47
N MET A 416 5.94 13.60 7.53
CA MET A 416 6.73 12.37 7.47
C MET A 416 5.79 11.18 7.52
N PHE A 417 6.11 10.12 6.79
CA PHE A 417 5.28 8.93 6.75
C PHE A 417 6.14 7.73 7.10
N HIS A 418 5.80 6.97 8.15
CA HIS A 418 6.61 5.81 8.50
C HIS A 418 5.82 4.54 8.62
N PHE A 419 6.25 3.45 8.01
CA PHE A 419 5.55 2.17 8.18
C PHE A 419 6.51 1.03 8.49
N LEU A 420 6.26 0.28 9.56
CA LEU A 420 7.15 -0.82 9.93
C LEU A 420 7.22 -1.85 8.83
N GLU A 421 8.41 -2.30 8.47
CA GLU A 421 8.57 -3.28 7.40
C GLU A 421 8.06 -4.71 7.62
N TYR A 422 8.34 -5.30 8.77
CA TYR A 422 7.93 -6.67 9.06
C TYR A 422 7.32 -6.81 10.45
N PRO A 423 6.10 -6.34 10.67
CA PRO A 423 5.58 -6.46 12.04
C PRO A 423 5.47 -7.91 12.47
N PHE A 424 5.91 -8.19 13.69
CA PHE A 424 5.87 -9.53 14.27
C PHE A 424 4.46 -10.06 14.49
N SER A 425 3.58 -9.16 14.87
CA SER A 425 2.19 -9.44 15.25
C SER A 425 1.43 -10.16 14.15
N ARG A 426 0.43 -10.96 14.55
CA ARG A 426 -0.39 -11.70 13.60
C ARG A 426 -1.86 -11.59 13.95
N GLY A 427 -2.68 -11.22 12.96
CA GLY A 427 -4.10 -11.06 13.18
C GLY A 427 -4.93 -12.25 12.79
N SER A 428 -6.23 -12.03 12.61
CA SER A 428 -7.17 -13.06 12.18
C SER A 428 -8.44 -12.42 11.66
N ILE A 429 -9.29 -13.20 11.01
CA ILE A 429 -10.56 -12.70 10.50
C ILE A 429 -11.56 -13.84 10.34
N HIS A 430 -12.84 -13.57 10.53
CA HIS A 430 -13.84 -14.62 10.42
C HIS A 430 -15.25 -14.08 10.21
N ILE A 431 -16.02 -14.73 9.34
CA ILE A 431 -17.43 -14.38 9.16
C ILE A 431 -18.23 -14.67 10.40
N THR A 432 -19.20 -13.80 10.69
CA THR A 432 -20.13 -14.04 11.78
C THR A 432 -21.52 -14.52 11.31
N SER A 433 -21.88 -14.21 10.06
CA SER A 433 -23.20 -14.54 9.55
C SER A 433 -23.17 -15.10 8.14
N PRO A 434 -24.18 -15.90 7.76
CA PRO A 434 -24.34 -16.38 6.38
C PRO A 434 -24.46 -15.24 5.37
N ASP A 435 -25.05 -14.12 5.79
CA ASP A 435 -25.29 -13.01 4.89
C ASP A 435 -23.99 -12.40 4.38
N PRO A 436 -23.90 -12.19 3.06
CA PRO A 436 -22.74 -11.56 2.42
C PRO A 436 -22.44 -10.18 2.97
N TYR A 437 -23.50 -9.47 3.32
CA TYR A 437 -23.41 -8.06 3.68
C TYR A 437 -22.91 -7.87 5.10
N ALA A 438 -23.05 -8.90 5.93
CA ALA A 438 -22.73 -8.79 7.35
C ALA A 438 -21.25 -8.52 7.58
N ALA A 439 -20.95 -7.59 8.47
CA ALA A 439 -19.57 -7.24 8.75
C ALA A 439 -18.88 -8.29 9.60
N PRO A 440 -17.73 -8.79 9.13
CA PRO A 440 -16.94 -9.77 9.87
C PRO A 440 -16.41 -9.23 11.18
N ASP A 441 -16.29 -10.06 12.21
CA ASP A 441 -15.53 -9.66 13.38
C ASP A 441 -14.08 -10.09 13.20
N PHE A 442 -13.14 -9.17 13.40
CA PHE A 442 -11.75 -9.57 13.24
C PHE A 442 -10.78 -8.74 14.04
N ASP A 443 -9.65 -9.36 14.40
CA ASP A 443 -8.61 -8.69 15.16
C ASP A 443 -7.37 -8.56 14.31
N PRO A 444 -7.09 -7.36 13.82
CA PRO A 444 -5.86 -7.08 13.08
C PRO A 444 -4.66 -7.36 13.96
N GLY A 445 -4.82 -7.18 15.27
CA GLY A 445 -3.80 -7.54 16.22
C GLY A 445 -2.63 -6.59 16.23
N PHE A 446 -2.89 -5.32 15.94
CA PHE A 446 -1.84 -4.32 15.95
C PHE A 446 -1.20 -4.29 17.33
N MET A 447 0.12 -4.25 17.34
CA MET A 447 0.91 -4.18 18.57
C MET A 447 0.56 -5.30 19.54
N ASN A 448 0.07 -6.42 19.02
CA ASN A 448 -0.23 -7.57 19.84
C ASN A 448 1.01 -8.16 20.46
N ASP A 449 2.13 -8.00 19.78
CA ASP A 449 3.39 -8.54 20.27
C ASP A 449 4.22 -7.41 20.84
N GLU A 450 4.96 -7.70 21.92
CA GLU A 450 5.72 -6.67 22.62
C GLU A 450 6.79 -6.06 21.74
N ARG A 451 7.30 -6.86 20.81
CA ARG A 451 8.50 -6.54 20.07
C ARG A 451 8.31 -5.46 19.02
N ASP A 452 7.06 -5.14 18.72
CA ASP A 452 6.75 -4.23 17.63
C ASP A 452 6.90 -2.75 17.97
N MET A 453 7.10 -2.43 19.24
CA MET A 453 7.16 -1.03 19.64
C MET A 453 8.49 -0.31 19.43
N ALA A 454 9.59 -0.98 19.74
CA ALA A 454 10.90 -0.31 19.72
C ALA A 454 11.27 0.34 18.38
N PRO A 455 11.16 -0.41 17.26
CA PRO A 455 11.46 0.23 15.98
C PRO A 455 10.57 1.43 15.67
N MET A 456 9.33 1.41 16.13
CA MET A 456 8.41 2.51 15.87
C MET A 456 8.91 3.79 16.53
N VAL A 457 9.19 3.69 17.82
CA VAL A 457 9.65 4.83 18.60
C VAL A 457 10.96 5.34 18.03
N TRP A 458 11.83 4.40 17.68
CA TRP A 458 13.14 4.73 17.16
C TRP A 458 13.05 5.45 15.82
N ALA A 459 12.10 5.05 14.98
CA ALA A 459 11.91 5.74 13.72
C ALA A 459 11.28 7.11 13.89
N TYR A 460 10.48 7.30 14.93
CA TYR A 460 9.99 8.65 15.17
C TYR A 460 11.14 9.56 15.59
N LYS A 461 11.99 9.03 16.45
CA LYS A 461 13.15 9.78 16.90
C LYS A 461 14.09 10.09 15.75
N LYS A 462 14.13 9.20 14.76
CA LYS A 462 15.03 9.37 13.62
C LYS A 462 14.48 10.37 12.61
N SER A 463 13.20 10.20 12.28
CA SER A 463 12.55 11.04 11.29
C SER A 463 12.39 12.47 11.78
N ARG A 464 12.24 12.66 13.08
CA ARG A 464 12.15 14.02 13.58
C ARG A 464 13.47 14.74 13.35
N GLU A 465 14.57 14.04 13.60
CA GLU A 465 15.89 14.62 13.42
C GLU A 465 16.18 14.90 11.96
N THR A 466 15.66 14.07 11.07
CA THR A 466 15.89 14.37 9.66
C THR A 466 14.94 15.43 9.12
N ALA A 467 13.85 15.69 9.84
CA ALA A 467 12.97 16.78 9.45
C ALA A 467 13.42 18.09 10.07
N ARG A 468 14.32 18.00 11.04
CA ARG A 468 14.85 19.18 11.70
C ARG A 468 16.10 19.71 10.98
N ARG A 469 16.64 18.91 10.07
CA ARG A 469 17.82 19.31 9.31
C ARG A 469 17.47 19.79 7.91
N MET A 470 16.21 19.64 7.54
CA MET A 470 15.76 20.11 6.25
C MET A 470 15.68 21.63 6.23
N ASP A 471 15.96 22.21 5.06
CA ASP A 471 15.91 23.64 4.87
C ASP A 471 14.50 24.20 5.00
N HIS A 472 13.51 23.38 4.68
CA HIS A 472 12.11 23.77 4.72
C HIS A 472 11.54 24.00 6.11
N PHE A 473 12.14 23.39 7.12
CA PHE A 473 11.55 23.26 8.44
C PHE A 473 11.22 24.59 9.11
N ALA A 474 10.03 24.68 9.71
CA ALA A 474 9.58 25.87 10.40
C ALA A 474 9.16 25.59 11.85
N GLY A 475 8.78 24.35 12.11
CA GLY A 475 8.42 23.93 13.46
C GLY A 475 7.38 22.84 13.46
N GLU A 476 7.42 21.97 14.47
CA GLU A 476 6.44 20.91 14.59
C GLU A 476 5.05 21.46 14.80
N VAL A 477 4.04 20.77 14.29
CA VAL A 477 2.67 21.06 14.69
C VAL A 477 2.33 20.23 15.94
N THR A 478 2.34 20.89 17.08
CA THR A 478 2.33 20.19 18.37
C THR A 478 1.08 19.39 18.67
N SER A 479 -0.04 19.72 18.04
CA SER A 479 -1.28 18.99 18.27
C SER A 479 -1.23 17.57 17.71
N HIS A 480 -0.37 17.35 16.72
CA HIS A 480 -0.26 16.08 16.02
C HIS A 480 1.06 15.36 16.27
N HIS A 481 1.69 15.70 17.39
CA HIS A 481 2.93 15.10 17.86
C HIS A 481 2.75 14.59 19.27
N PRO A 482 3.60 13.64 19.71
CA PRO A 482 3.38 12.97 20.99
C PRO A 482 3.40 13.93 22.16
N LEU A 483 2.56 13.64 23.13
CA LEU A 483 2.26 14.57 24.21
C LEU A 483 3.33 14.56 25.28
N PHE A 484 4.46 15.18 24.98
CA PHE A 484 5.57 15.26 25.93
C PHE A 484 5.21 16.12 27.12
N PRO A 485 5.83 15.86 28.28
CA PRO A 485 5.59 16.73 29.42
C PRO A 485 6.01 18.15 29.10
N TYR A 486 5.27 19.12 29.63
CA TYR A 486 5.28 20.47 29.10
C TYR A 486 6.63 21.15 29.19
N SER A 487 7.40 20.84 30.23
CA SER A 487 8.68 21.50 30.46
C SER A 487 9.84 20.84 29.71
N SER A 488 9.57 19.73 29.05
CA SER A 488 10.62 18.91 28.45
C SER A 488 11.34 19.63 27.33
N GLU A 489 12.64 19.39 27.23
CA GLU A 489 13.45 19.95 26.15
C GLU A 489 13.25 19.17 24.85
N ALA A 490 12.60 18.03 24.96
CA ALA A 490 12.32 17.17 23.81
C ALA A 490 11.04 17.61 23.12
N ARG A 491 10.40 18.63 23.64
CA ARG A 491 9.07 19.05 23.22
C ARG A 491 8.99 19.51 21.76
N ALA A 492 7.82 19.33 21.16
CA ALA A 492 7.53 19.81 19.81
C ALA A 492 7.22 21.30 19.75
N LEU A 493 8.21 22.09 19.35
CA LEU A 493 8.07 23.54 19.19
C LEU A 493 7.29 23.95 17.94
N GLU A 494 6.55 25.06 18.01
CA GLU A 494 5.80 25.60 16.88
C GLU A 494 6.61 26.58 16.05
N MET A 495 5.96 27.24 15.09
CA MET A 495 6.64 28.16 14.20
C MET A 495 7.02 29.47 14.89
N ASP A 496 8.00 30.17 14.35
CA ASP A 496 8.46 31.45 14.88
C ASP A 496 7.36 32.50 14.85
N LEU A 497 7.55 33.59 15.59
CA LEU A 497 6.58 34.69 15.60
C LEU A 497 6.45 35.40 14.25
N GLU A 498 7.58 35.70 13.62
CA GLU A 498 7.55 36.43 12.36
C GLU A 498 6.93 35.58 11.25
N THR A 499 7.13 34.27 11.32
CA THR A 499 6.45 33.36 10.41
C THR A 499 4.95 33.30 10.72
N SER A 500 4.60 33.49 11.99
CA SER A 500 3.19 33.54 12.36
C SER A 500 2.54 34.73 11.70
N ASN A 501 3.25 35.85 11.67
CA ASN A 501 2.78 37.00 10.91
C ASN A 501 2.78 36.75 9.42
N ALA A 502 3.72 35.93 8.95
CA ALA A 502 3.82 35.60 7.53
C ALA A 502 2.63 34.78 7.04
N TYR A 503 2.09 33.92 7.90
CA TYR A 503 0.89 33.18 7.54
C TYR A 503 -0.40 33.93 7.85
N GLY A 504 -0.38 34.77 8.89
CA GLY A 504 -1.60 35.40 9.33
C GLY A 504 -2.11 36.47 8.39
N GLY A 505 -1.22 37.01 7.57
CA GLY A 505 -1.56 38.11 6.69
C GLY A 505 -1.34 39.42 7.39
N PRO A 506 -1.32 40.52 6.62
CA PRO A 506 -1.12 41.88 7.14
C PRO A 506 -2.19 42.31 8.15
N LEU A 507 -3.40 41.82 7.97
CA LEU A 507 -4.55 42.33 8.69
C LEU A 507 -4.92 41.57 9.96
N ASN A 508 -4.19 40.52 10.29
CA ASN A 508 -4.54 39.70 11.45
C ASN A 508 -4.45 40.47 12.75
N LEU A 509 -5.36 40.19 13.67
CA LEU A 509 -5.37 40.85 14.96
C LEU A 509 -4.87 39.92 16.04
N SER A 510 -4.30 38.79 15.64
CA SER A 510 -3.81 37.80 16.58
C SER A 510 -2.73 36.93 15.98
N ALA A 511 -1.48 37.35 16.02
CA ALA A 511 -0.48 36.51 15.39
C ALA A 511 0.44 35.87 16.40
N GLY A 512 1.12 36.70 17.16
CA GLY A 512 2.03 36.22 18.18
C GLY A 512 1.35 36.22 19.52
N LEU A 513 0.07 36.58 19.54
CA LEU A 513 -0.65 36.63 20.80
C LEU A 513 -0.69 35.23 21.35
N ALA A 514 -0.19 35.08 22.58
CA ALA A 514 -0.19 33.77 23.22
C ALA A 514 -0.74 33.83 24.61
N HIS A 515 -1.84 33.14 24.85
CA HIS A 515 -2.46 33.10 26.16
C HIS A 515 -2.82 31.66 26.43
N GLY A 516 -2.54 31.19 27.64
CA GLY A 516 -2.83 29.81 27.97
C GLY A 516 -1.64 28.95 27.62
N SER A 517 -0.62 29.55 27.02
CA SER A 517 0.58 28.80 26.68
C SER A 517 0.24 27.56 25.88
N TRP A 518 -0.62 27.68 24.89
CA TRP A 518 -0.97 26.52 24.10
C TRP A 518 0.25 25.96 23.38
N THR A 519 1.09 26.83 22.85
CA THR A 519 2.28 26.39 22.14
C THR A 519 3.52 27.23 22.42
N GLN A 520 4.69 26.62 22.32
CA GLN A 520 5.98 27.25 22.55
C GLN A 520 6.65 27.67 21.25
N PRO A 521 6.99 28.96 21.13
CA PRO A 521 7.71 29.43 19.94
C PRO A 521 9.08 28.79 19.79
N LEU A 522 9.49 28.55 18.55
CA LEU A 522 10.77 27.93 18.26
C LEU A 522 11.90 28.95 18.25
N LYS A 523 13.06 28.55 18.77
CA LYS A 523 14.21 29.42 18.87
C LYS A 523 14.88 29.62 17.52
N LYS A 524 15.54 30.75 17.32
CA LYS A 524 16.22 31.00 16.05
C LYS A 524 17.42 30.08 15.85
N PRO A 525 17.66 29.67 14.59
CA PRO A 525 18.78 28.82 14.19
C PRO A 525 20.11 29.49 14.44
N THR A 526 21.14 28.71 14.73
CA THR A 526 22.48 29.24 14.93
C THR A 526 22.93 29.95 13.66
N ALA A 527 23.63 31.06 13.81
CA ALA A 527 24.00 31.92 12.69
C ALA A 527 24.93 31.21 11.71
N LYS A 528 24.73 31.50 10.42
CA LYS A 528 25.57 30.94 9.38
C LYS A 528 27.02 31.36 9.57
N ASN A 529 27.94 30.41 9.41
CA ASN A 529 29.35 30.75 9.51
C ASN A 529 29.81 31.66 8.38
N GLU A 530 30.55 32.70 8.75
CA GLU A 530 31.25 33.52 7.77
C GLU A 530 32.56 32.84 7.42
N GLY A 531 33.03 33.06 6.20
CA GLY A 531 34.28 32.45 5.78
C GLY A 531 34.08 31.11 5.13
N HIS A 532 32.85 30.59 5.17
CA HIS A 532 32.47 29.50 4.29
C HIS A 532 31.88 30.03 3.00
N VAL A 533 31.95 29.22 1.95
CA VAL A 533 31.35 29.57 0.68
C VAL A 533 29.86 29.71 0.91
N THR A 534 29.22 30.66 0.24
CA THR A 534 27.84 31.00 0.53
C THR A 534 26.92 29.81 0.31
N SER A 535 27.28 28.95 -0.62
CA SER A 535 26.50 27.75 -0.90
C SER A 535 26.67 26.66 0.15
N ASN A 536 27.74 26.73 0.93
CA ASN A 536 28.02 25.70 1.91
C ASN A 536 27.61 26.08 3.33
N GLN A 537 27.20 27.33 3.52
CA GLN A 537 26.77 27.79 4.82
C GLN A 537 25.47 27.12 5.23
N VAL A 538 25.36 26.79 6.52
CA VAL A 538 24.16 26.17 7.04
C VAL A 538 23.80 26.75 8.40
N GLU A 539 22.50 26.87 8.64
CA GLU A 539 22.01 27.31 9.95
C GLU A 539 21.11 26.23 10.50
N LEU A 540 21.39 25.78 11.71
CA LEU A 540 20.82 24.53 12.18
C LEU A 540 20.32 24.55 13.62
N HIS A 541 19.18 23.87 13.82
CA HIS A 541 18.56 23.75 15.13
C HIS A 541 19.29 22.74 15.99
N PRO A 542 19.28 22.95 17.31
CA PRO A 542 19.93 22.04 18.27
C PRO A 542 19.35 20.64 18.26
N ASP A 543 20.19 19.63 18.45
CA ASP A 543 19.72 18.25 18.58
C ASP A 543 18.98 18.06 19.90
N ILE A 544 17.90 17.28 19.87
CA ILE A 544 17.14 17.03 21.08
C ILE A 544 17.49 15.69 21.70
N GLU A 545 17.21 15.55 23.00
CA GLU A 545 17.58 14.36 23.74
C GLU A 545 16.45 13.89 24.64
N TYR A 546 16.41 12.59 24.91
CA TYR A 546 15.26 11.94 25.51
C TYR A 546 15.56 11.26 26.84
N ASP A 547 14.53 11.15 27.68
CA ASP A 547 14.60 10.35 28.88
C ASP A 547 13.36 9.44 28.93
N GLU A 548 13.20 8.67 29.99
CA GLU A 548 12.14 7.67 30.04
C GLU A 548 10.75 8.27 29.91
N GLU A 549 10.53 9.40 30.56
CA GLU A 549 9.24 10.06 30.52
C GLU A 549 8.96 10.66 29.15
N ASP A 550 10.00 10.96 28.39
CA ASP A 550 9.84 11.43 27.02
C ASP A 550 9.73 10.28 26.04
N ASP A 551 10.01 9.06 26.49
CA ASP A 551 9.85 7.88 25.67
C ASP A 551 8.45 7.29 25.83
N LYS A 552 7.92 7.36 27.04
CA LYS A 552 6.57 6.87 27.29
C LYS A 552 5.54 7.64 26.49
N ALA A 553 5.82 8.91 26.25
CA ALA A 553 4.92 9.75 25.49
C ALA A 553 4.89 9.34 24.03
N ILE A 554 6.07 9.08 23.46
CA ILE A 554 6.16 8.64 22.08
C ILE A 554 5.51 7.28 21.93
N GLU A 555 5.64 6.47 22.97
CA GLU A 555 5.07 5.14 22.98
C GLU A 555 3.54 5.21 22.97
N ASN A 556 2.97 6.04 23.83
CA ASN A 556 1.52 6.20 23.84
C ASN A 556 1.01 6.82 22.55
N TYR A 557 1.82 7.68 21.96
CA TYR A 557 1.49 8.29 20.68
C TYR A 557 1.33 7.25 19.61
N ILE A 558 2.33 6.38 19.51
CA ILE A 558 2.29 5.30 18.53
C ILE A 558 1.16 4.33 18.81
N ARG A 559 0.88 4.04 20.09
CA ARG A 559 -0.23 3.15 20.38
C ARG A 559 -1.55 3.76 19.96
N GLU A 560 -1.66 5.07 20.09
CA GLU A 560 -2.94 5.73 19.87
C GLU A 560 -3.10 6.27 18.46
N HIS A 561 -2.08 6.13 17.61
CA HIS A 561 -2.20 6.71 16.28
C HIS A 561 -1.64 5.87 15.11
N THR A 562 -1.33 4.60 15.35
CA THR A 562 -1.02 3.70 14.23
C THR A 562 -2.28 3.20 13.55
N GLU A 563 -2.14 2.83 12.28
CA GLU A 563 -3.24 2.28 11.51
C GLU A 563 -2.71 1.38 10.41
N THR A 564 -3.61 0.64 9.75
CA THR A 564 -3.22 -0.22 8.65
C THR A 564 -2.69 0.62 7.50
N THR A 565 -1.72 0.08 6.77
CA THR A 565 -1.12 0.79 5.66
C THR A 565 -1.64 0.17 4.36
N TRP A 566 -2.61 -0.73 4.54
CA TRP A 566 -3.22 -1.49 3.46
C TRP A 566 -2.24 -2.38 2.74
N HIS A 567 -1.24 -2.89 3.47
CA HIS A 567 -0.35 -3.86 2.90
C HIS A 567 -0.76 -5.20 3.46
N CYS A 568 -2.05 -5.32 3.75
CA CYS A 568 -2.61 -6.50 4.37
C CYS A 568 -2.45 -7.75 3.52
N LEU A 569 -2.14 -8.86 4.18
CA LEU A 569 -1.92 -10.15 3.52
C LEU A 569 -1.90 -11.27 4.54
N GLY A 570 -1.96 -12.51 4.07
CA GLY A 570 -2.04 -13.65 4.95
C GLY A 570 -3.35 -14.39 4.75
N THR A 571 -4.10 -14.58 5.83
CA THR A 571 -5.36 -15.32 5.76
C THR A 571 -5.13 -16.63 5.03
N CYS A 572 -5.78 -16.79 3.89
CA CYS A 572 -5.49 -17.94 3.04
C CYS A 572 -4.05 -17.86 2.55
N SER A 573 -3.23 -18.85 2.89
CA SER A 573 -1.80 -18.77 2.60
C SER A 573 -1.12 -20.10 2.41
N ILE A 574 -0.03 -20.08 1.65
CA ILE A 574 0.72 -21.29 1.29
C ILE A 574 1.32 -21.95 2.50
N GLY A 575 1.33 -23.27 2.50
CA GLY A 575 2.00 -24.03 3.54
C GLY A 575 1.45 -25.44 3.55
N PRO A 576 2.07 -26.32 4.34
CA PRO A 576 1.52 -27.66 4.50
C PRO A 576 0.15 -27.61 5.16
N ARG A 577 -0.74 -28.52 4.75
CA ARG A 577 -2.05 -28.62 5.34
C ARG A 577 -1.95 -28.98 6.81
N GLU A 578 -0.92 -29.75 7.14
CA GLU A 578 -0.67 -30.19 8.50
C GLU A 578 -0.20 -29.07 9.42
N GLY A 579 0.37 -28.02 8.83
CA GLY A 579 0.90 -26.92 9.60
C GLY A 579 2.40 -26.74 9.46
N SER A 580 2.87 -25.54 9.75
CA SER A 580 4.30 -25.21 9.63
C SER A 580 4.68 -24.13 10.62
N LYS A 581 5.98 -23.94 10.82
CA LYS A 581 6.46 -22.92 11.75
C LYS A 581 6.11 -21.51 11.30
N ILE A 582 6.12 -21.27 9.99
CA ILE A 582 5.80 -19.95 9.46
C ILE A 582 4.29 -19.70 9.45
N VAL A 583 3.52 -20.78 9.48
CA VAL A 583 2.06 -20.70 9.51
C VAL A 583 1.51 -21.69 10.54
N LYS A 584 1.37 -21.23 11.78
CA LYS A 584 1.12 -22.12 12.90
C LYS A 584 -0.19 -22.88 12.80
N TRP A 585 -1.19 -22.24 12.20
CA TRP A 585 -2.52 -22.85 12.09
C TRP A 585 -2.60 -23.81 10.91
N GLY A 586 -1.58 -23.78 10.06
CA GLY A 586 -1.58 -24.58 8.85
C GLY A 586 -1.96 -23.75 7.65
N GLY A 587 -1.36 -24.07 6.50
CA GLY A 587 -1.67 -23.37 5.28
C GLY A 587 -2.92 -23.95 4.64
N VAL A 588 -3.40 -23.30 3.60
CA VAL A 588 -4.58 -23.78 2.90
C VAL A 588 -4.31 -23.98 1.43
N LEU A 589 -3.46 -23.13 0.86
CA LEU A 589 -3.04 -23.29 -0.53
C LEU A 589 -1.96 -24.35 -0.66
N ASP A 590 -1.90 -24.97 -1.82
CA ASP A 590 -0.76 -25.78 -2.20
C ASP A 590 0.26 -24.84 -2.83
N HIS A 591 1.48 -25.32 -3.09
CA HIS A 591 2.49 -24.48 -3.71
C HIS A 591 2.07 -24.07 -5.12
N ARG A 592 1.13 -24.81 -5.69
CA ARG A 592 0.61 -24.51 -7.02
C ARG A 592 -0.66 -23.67 -6.90
N SER A 593 -0.86 -23.11 -5.70
CA SER A 593 -1.96 -22.19 -5.37
C SER A 593 -3.34 -22.82 -5.38
N ASN A 594 -3.41 -24.14 -5.55
CA ASN A 594 -4.66 -24.86 -5.36
C ASN A 594 -5.07 -24.87 -3.90
N VAL A 595 -6.35 -24.61 -3.63
CA VAL A 595 -6.87 -24.64 -2.27
C VAL A 595 -6.93 -26.10 -1.86
N TYR A 596 -6.61 -26.39 -0.61
CA TYR A 596 -6.63 -27.76 -0.13
C TYR A 596 -8.01 -28.38 -0.01
N GLY A 597 -8.10 -29.66 -0.35
CA GLY A 597 -9.33 -30.43 -0.24
C GLY A 597 -10.37 -30.28 -1.34
N VAL A 598 -10.08 -29.51 -2.36
CA VAL A 598 -11.03 -29.33 -3.44
C VAL A 598 -10.34 -29.28 -4.80
N LYS A 599 -11.08 -29.62 -5.86
CA LYS A 599 -10.49 -29.58 -7.19
C LYS A 599 -11.07 -28.45 -8.04
N GLY A 600 -10.19 -27.73 -8.73
CA GLY A 600 -10.59 -26.62 -9.58
C GLY A 600 -10.67 -25.21 -9.01
N LEU A 601 -10.23 -25.00 -7.78
CA LEU A 601 -10.27 -23.67 -7.17
C LEU A 601 -8.87 -23.12 -6.89
N LYS A 602 -8.62 -21.87 -7.28
CA LYS A 602 -7.31 -21.25 -7.09
C LYS A 602 -7.41 -19.85 -6.49
N VAL A 603 -6.35 -19.40 -5.82
CA VAL A 603 -6.35 -18.06 -5.23
C VAL A 603 -5.31 -17.15 -5.88
N GLY A 604 -5.76 -16.00 -6.38
CA GLY A 604 -4.88 -15.05 -7.02
C GLY A 604 -4.65 -13.81 -6.18
N ASP A 605 -5.15 -13.84 -4.96
CA ASP A 605 -5.03 -12.73 -4.03
C ASP A 605 -3.64 -12.54 -3.49
N LEU A 606 -3.38 -11.33 -3.00
CA LEU A 606 -2.15 -10.97 -2.36
C LEU A 606 -2.10 -11.63 -0.99
N SER A 607 -3.20 -12.26 -0.61
CA SER A 607 -3.27 -12.98 0.66
C SER A 607 -2.36 -14.19 0.67
N VAL A 608 -1.97 -14.66 -0.50
CA VAL A 608 -1.27 -15.92 -0.64
C VAL A 608 0.03 -15.98 0.16
N CYS A 609 0.63 -14.82 0.40
CA CYS A 609 1.95 -14.76 1.04
C CYS A 609 1.94 -15.25 2.49
N PRO A 610 2.77 -16.24 2.80
CA PRO A 610 3.01 -16.73 4.16
C PRO A 610 3.53 -15.67 5.12
N ASP A 611 4.32 -14.72 4.63
CA ASP A 611 4.99 -13.77 5.51
C ASP A 611 5.26 -12.46 4.78
N ASN A 612 5.54 -11.42 5.55
CA ASN A 612 5.65 -10.06 5.01
C ASN A 612 6.71 -9.86 3.97
N VAL A 613 6.40 -9.01 3.01
CA VAL A 613 7.34 -8.62 1.98
C VAL A 613 7.67 -7.20 2.40
N GLY A 614 8.95 -6.87 2.55
CA GLY A 614 9.31 -5.53 2.99
C GLY A 614 9.32 -4.55 1.84
N CYS A 615 8.14 -4.29 1.30
CA CYS A 615 7.97 -3.38 0.19
C CYS A 615 6.51 -3.03 0.14
N ASN A 616 6.14 -2.03 -0.65
CA ASN A 616 4.74 -1.71 -0.80
C ASN A 616 4.18 -2.94 -1.51
N THR A 617 2.97 -3.34 -1.18
CA THR A 617 2.36 -4.56 -1.70
C THR A 617 1.88 -4.63 -3.15
N TYR A 618 1.80 -3.51 -3.84
CA TYR A 618 1.29 -3.54 -5.22
C TYR A 618 2.07 -4.40 -6.20
N THR A 619 3.39 -4.42 -6.11
CA THR A 619 4.23 -5.18 -7.01
C THR A 619 4.04 -6.67 -6.81
N THR A 620 3.91 -7.09 -5.55
CA THR A 620 3.66 -8.50 -5.27
C THR A 620 2.26 -8.89 -5.74
N ALA A 621 1.37 -7.92 -5.81
CA ALA A 621 0.04 -8.19 -6.34
C ALA A 621 0.16 -8.56 -7.80
N LEU A 622 0.89 -7.74 -8.55
CA LEU A 622 1.05 -8.00 -9.97
C LEU A 622 1.77 -9.33 -10.19
N LEU A 623 2.81 -9.55 -9.40
CA LEU A 623 3.64 -10.74 -9.51
C LEU A 623 2.91 -12.03 -9.20
N ILE A 624 2.15 -12.04 -8.12
CA ILE A 624 1.36 -13.20 -7.75
C ILE A 624 0.25 -13.42 -8.76
N GLY A 625 -0.27 -12.33 -9.32
CA GLY A 625 -1.31 -12.46 -10.32
C GLY A 625 -0.78 -13.14 -11.57
N GLU A 626 0.44 -12.81 -11.97
CA GLU A 626 1.03 -13.47 -13.12
C GLU A 626 1.57 -14.86 -12.82
N LYS A 627 1.90 -15.13 -11.56
CA LYS A 627 2.20 -16.50 -11.16
C LYS A 627 0.99 -17.39 -11.29
N THR A 628 -0.13 -16.98 -10.71
CA THR A 628 -1.34 -17.78 -10.81
C THR A 628 -1.82 -17.86 -12.24
N ALA A 629 -1.56 -16.81 -13.02
CA ALA A 629 -1.92 -16.83 -14.42
C ALA A 629 -1.14 -17.93 -15.14
N THR A 630 0.17 -17.96 -14.92
CA THR A 630 1.00 -18.98 -15.55
C THR A 630 0.60 -20.38 -15.07
N LEU A 631 0.22 -20.47 -13.81
CA LEU A 631 -0.19 -21.76 -13.24
C LEU A 631 -1.48 -22.25 -13.89
N VAL A 632 -2.42 -21.34 -14.14
CA VAL A 632 -3.64 -21.71 -14.84
C VAL A 632 -3.30 -22.15 -16.25
N GLY A 633 -2.30 -21.48 -16.82
CA GLY A 633 -1.89 -21.77 -18.18
C GLY A 633 -1.37 -23.19 -18.31
N GLU A 634 -0.45 -23.57 -17.45
CA GLU A 634 0.05 -24.95 -17.48
C GLU A 634 -1.02 -25.94 -17.03
N ASP A 635 -1.94 -25.49 -16.17
CA ASP A 635 -3.00 -26.37 -15.66
C ASP A 635 -3.95 -26.73 -16.81
N LEU A 636 -4.07 -25.84 -17.78
CA LEU A 636 -4.90 -26.10 -18.96
C LEU A 636 -4.15 -26.97 -19.95
N GLY A 637 -2.87 -27.20 -19.67
CA GLY A 637 -2.05 -28.05 -20.52
C GLY A 637 -1.49 -27.33 -21.73
N TYR A 638 -1.71 -26.02 -21.80
CA TYR A 638 -1.19 -25.23 -22.92
C TYR A 638 0.33 -25.19 -22.94
N SER A 639 0.87 -25.14 -24.15
CA SER A 639 2.31 -25.23 -24.37
C SER A 639 3.07 -24.05 -23.77
N GLY A 640 4.33 -24.28 -23.43
CA GLY A 640 5.16 -23.23 -22.88
C GLY A 640 5.47 -22.20 -23.95
N GLU A 641 5.39 -22.61 -25.21
CA GLU A 641 5.41 -21.67 -26.31
C GLU A 641 4.14 -20.83 -26.24
N ALA A 642 4.30 -19.52 -26.41
CA ALA A 642 3.19 -18.56 -26.32
C ALA A 642 2.44 -18.65 -24.98
N LEU A 643 3.04 -19.30 -23.99
CA LEU A 643 2.49 -19.32 -22.64
C LEU A 643 2.54 -17.93 -22.04
N ASP A 644 3.53 -17.15 -22.48
CA ASP A 644 3.57 -15.73 -22.16
C ASP A 644 2.38 -15.05 -22.82
N MET A 645 1.81 -14.07 -22.13
CA MET A 645 0.47 -13.61 -22.48
C MET A 645 0.43 -12.10 -22.68
N THR A 646 1.13 -11.60 -23.68
CA THR A 646 1.24 -10.16 -23.87
C THR A 646 -0.11 -9.51 -24.11
N VAL A 647 -0.36 -8.40 -23.41
CA VAL A 647 -1.56 -7.61 -23.62
C VAL A 647 -1.33 -6.72 -24.83
N PRO A 648 -2.41 -6.34 -25.53
CA PRO A 648 -2.17 -5.31 -26.55
C PRO A 648 -1.68 -4.01 -25.94
N GLN A 649 -0.77 -3.35 -26.63
CA GLN A 649 -0.34 -2.01 -26.26
C GLN A 649 0.48 -1.39 -27.37
N PHE A 650 0.39 -0.07 -27.47
CA PHE A 650 1.25 0.66 -28.39
C PHE A 650 2.46 1.12 -27.61
N LYS A 651 3.53 0.33 -27.69
CA LYS A 651 4.75 0.67 -26.96
C LYS A 651 5.36 1.97 -27.43
N LEU A 652 5.71 2.81 -26.46
CA LEU A 652 6.43 4.05 -26.72
C LEU A 652 7.87 3.86 -26.32
N GLY A 653 8.79 4.27 -27.18
CA GLY A 653 10.20 4.13 -26.88
C GLY A 653 10.69 5.29 -26.04
N THR A 654 11.97 5.28 -25.72
CA THR A 654 12.59 6.45 -25.12
C THR A 654 12.53 7.54 -26.18
N TYR A 655 12.43 8.79 -25.76
CA TYR A 655 12.23 9.88 -26.71
C TYR A 655 13.34 9.97 -27.74
N GLU A 656 14.55 9.54 -27.38
CA GLU A 656 15.64 9.56 -28.33
C GLU A 656 15.63 8.35 -29.26
N LYS A 657 14.77 7.39 -28.99
CA LYS A 657 14.60 6.26 -29.90
C LYS A 657 13.43 6.51 -30.84
N THR A 658 12.47 7.28 -30.38
CA THR A 658 11.34 7.70 -31.21
C THR A 658 10.77 8.99 -30.65
N GLY A 659 10.26 9.85 -31.51
CA GLY A 659 10.00 11.22 -31.12
C GLY A 659 8.68 11.44 -30.40
N LEU A 660 7.97 10.36 -30.16
CA LEU A 660 6.61 10.46 -29.64
C LEU A 660 6.40 10.00 -28.19
N ALA A 661 7.35 10.32 -27.31
CA ALA A 661 7.25 9.82 -25.94
C ALA A 661 8.02 10.56 -24.86
N ARG A 662 7.59 11.76 -24.48
CA ARG A 662 8.14 12.39 -23.27
C ARG A 662 7.30 13.51 -22.66
N PHE A 663 7.43 13.65 -21.34
CA PHE A 663 7.12 14.88 -20.63
C PHE A 663 8.23 15.23 -19.64
#